data_8A4B
#
_entry.id   8A4B
#
_cell.length_a   59.840
_cell.length_b   107.960
_cell.length_c   91.100
_cell.angle_alpha   90.000
_cell.angle_beta   106.470
_cell.angle_gamma   90.000
#
_symmetry.space_group_name_H-M   'P 1 21 1'
#
loop_
_entity.id
_entity.type
_entity.pdbx_description
1 polymer 'Rab15 effector protein'
2 polymer 'Ras-related protein Rab-3B'
3 non-polymer "GUANOSINE-5'-TRIPHOSPHATE"
4 non-polymer 'MAGNESIUM ION'
5 water water
#
loop_
_entity_poly.entity_id
_entity_poly.type
_entity_poly.pdbx_seq_one_letter_code
_entity_poly.pdbx_strand_id
1 'polypeptide(L)'
;GHMVPVVCEVVSEAIVHAAQKLKEYLGFEYPPSKLCPAANTLNEIFLIHFITFCQEKGVDEWLTTTKMTKHQAFLFGADW
IWTFWGSDKQIKLQLAVQTLQMSSPPPVESKPCDLSNPESRVEESSWKKSRFDKLEEFCNLIGEDCLGLFIIFGMPGKPK
DIRGVVLDSVKSQMVRSHLPGGKAVAQFVLETEDCVFIKELLRNCLSKKDGLREVGKVYISIL
;
A,C
2 'polypeptide(L)'
;MNFDYMFKLLIIGNSSVGKTSFLFRYADDTFTPAFVSTVGIDFKVKTVYRHEKRVKLQIWDTAGLERYRTITTAYYRGAM
GFILMYDITNEESFNAVQDWATQIKTYSWDNAQVILVGNKCDMEEERVVPTEKGQLLAEQLGFDFFEASAKENISVRQAF
ERLVDAICDKMSDS
;
B,D
#
# COMPACT_ATOMS: atom_id res chain seq x y z
N PRO A 5 -17.98 -32.29 -13.92
CA PRO A 5 -17.20 -31.06 -13.87
C PRO A 5 -16.32 -30.96 -12.63
N VAL A 6 -15.12 -31.54 -12.72
CA VAL A 6 -14.21 -31.67 -11.58
C VAL A 6 -13.82 -30.32 -11.01
N VAL A 7 -13.70 -29.31 -11.88
CA VAL A 7 -13.16 -28.01 -11.47
C VAL A 7 -14.01 -27.41 -10.36
N CYS A 8 -15.34 -27.60 -10.42
CA CYS A 8 -16.22 -27.05 -9.40
C CYS A 8 -15.91 -27.59 -8.01
N GLU A 9 -15.85 -28.92 -7.89
CA GLU A 9 -15.59 -29.52 -6.58
C GLU A 9 -14.20 -29.16 -6.07
N VAL A 10 -13.19 -29.19 -6.95
CA VAL A 10 -11.84 -28.90 -6.48
C VAL A 10 -11.71 -27.43 -6.06
N VAL A 11 -12.35 -26.50 -6.80
CA VAL A 11 -12.25 -25.09 -6.43
C VAL A 11 -13.04 -24.82 -5.14
N SER A 12 -14.16 -25.51 -4.92
CA SER A 12 -14.88 -25.34 -3.66
C SER A 12 -14.05 -25.82 -2.48
N GLU A 13 -13.38 -26.98 -2.65
CA GLU A 13 -12.47 -27.45 -1.61
C GLU A 13 -11.34 -26.46 -1.38
N ALA A 14 -10.83 -25.86 -2.46
CA ALA A 14 -9.79 -24.86 -2.32
C ALA A 14 -10.27 -23.64 -1.55
N ILE A 15 -11.49 -23.19 -1.82
CA ILE A 15 -12.03 -22.03 -1.12
C ILE A 15 -12.18 -22.32 0.37
N VAL A 16 -12.74 -23.49 0.71
CA VAL A 16 -12.92 -23.79 2.13
C VAL A 16 -11.55 -23.94 2.81
N HIS A 17 -10.58 -24.53 2.13
CA HIS A 17 -9.25 -24.68 2.71
C HIS A 17 -8.60 -23.33 2.96
N ALA A 18 -8.69 -22.42 1.97
CA ALA A 18 -8.08 -21.11 2.13
C ALA A 18 -8.75 -20.33 3.25
N ALA A 19 -10.08 -20.40 3.34
CA ALA A 19 -10.78 -19.70 4.42
C ALA A 19 -10.41 -20.27 5.78
N GLN A 20 -10.29 -21.59 5.88
CA GLN A 20 -9.92 -22.19 7.16
C GLN A 20 -8.49 -21.83 7.55
N LYS A 21 -7.58 -21.75 6.57
CA LYS A 21 -6.24 -21.26 6.88
C LYS A 21 -6.27 -19.81 7.33
N LEU A 22 -7.11 -19.00 6.69
CA LEU A 22 -7.17 -17.57 7.00
C LEU A 22 -7.80 -17.31 8.36
N LYS A 23 -8.66 -18.22 8.84
CA LYS A 23 -9.36 -17.98 10.10
C LYS A 23 -8.39 -17.77 11.26
N GLU A 24 -7.18 -18.33 11.17
CA GLU A 24 -6.21 -18.15 12.24
C GLU A 24 -5.85 -16.69 12.44
N TYR A 25 -5.69 -15.94 11.35
CA TYR A 25 -5.27 -14.55 11.42
C TYR A 25 -6.43 -13.59 11.70
N LEU A 26 -7.66 -14.00 11.44
CA LEU A 26 -8.81 -13.16 11.74
C LEU A 26 -8.99 -13.04 13.26
N GLY A 27 -9.39 -11.86 13.70
CA GLY A 27 -9.54 -11.61 15.13
C GLY A 27 -8.25 -11.32 15.84
N PHE A 28 -7.23 -10.84 15.14
CA PHE A 28 -5.96 -10.46 15.73
C PHE A 28 -5.85 -8.94 15.78
N GLU A 29 -5.37 -8.42 16.90
CA GLU A 29 -5.11 -7.00 17.04
C GLU A 29 -3.77 -6.78 17.71
N TYR A 30 -3.06 -5.75 17.25
CA TYR A 30 -1.74 -5.44 17.78
C TYR A 30 -1.82 -5.05 19.25
N PRO A 31 -0.78 -5.35 20.04
CA PRO A 31 -0.93 -5.40 21.51
C PRO A 31 -1.54 -4.14 22.09
N PRO A 32 -0.97 -2.93 21.84
CA PRO A 32 -1.61 -1.74 22.42
C PRO A 32 -2.74 -1.19 21.56
N SER A 33 -2.68 -1.47 20.26
CA SER A 33 -3.54 -0.81 19.29
C SER A 33 -4.79 -1.64 19.00
N LYS A 34 -5.75 -1.00 18.31
CA LYS A 34 -6.91 -1.68 17.77
C LYS A 34 -6.69 -2.16 16.35
N LEU A 35 -5.50 -1.92 15.79
CA LEU A 35 -5.23 -2.22 14.40
C LEU A 35 -5.26 -3.72 14.13
N CYS A 36 -5.89 -4.10 13.04
CA CYS A 36 -5.92 -5.45 12.53
C CYS A 36 -4.94 -5.61 11.38
N PRO A 37 -4.74 -6.84 10.89
CA PRO A 37 -3.93 -7.02 9.67
C PRO A 37 -4.54 -6.26 8.50
N ALA A 38 -3.66 -5.82 7.60
CA ALA A 38 -4.10 -5.08 6.42
C ALA A 38 -4.96 -5.96 5.52
N ALA A 39 -5.90 -5.33 4.81
CA ALA A 39 -6.77 -6.07 3.92
C ALA A 39 -5.97 -6.79 2.85
N ASN A 40 -4.93 -6.14 2.33
CA ASN A 40 -4.09 -6.79 1.31
C ASN A 40 -3.40 -8.02 1.88
N THR A 41 -2.97 -7.97 3.14
CA THR A 41 -2.33 -9.13 3.75
C THR A 41 -3.29 -10.31 3.84
N LEU A 42 -4.52 -10.05 4.28
CA LEU A 42 -5.52 -11.11 4.36
C LEU A 42 -5.84 -11.67 2.98
N ASN A 43 -6.02 -10.78 1.99
CA ASN A 43 -6.32 -11.23 0.64
C ASN A 43 -5.19 -12.09 0.08
N GLU A 44 -3.94 -11.67 0.29
CA GLU A 44 -2.81 -12.44 -0.21
C GLU A 44 -2.66 -13.78 0.50
N ILE A 45 -2.90 -13.82 1.82
CA ILE A 45 -2.83 -15.09 2.53
C ILE A 45 -3.88 -16.05 1.96
N PHE A 46 -5.11 -15.56 1.81
CA PHE A 46 -6.18 -16.40 1.26
C PHE A 46 -5.82 -16.88 -0.14
N LEU A 47 -5.35 -15.97 -1.00
CA LEU A 47 -5.02 -16.33 -2.37
C LEU A 47 -3.86 -17.33 -2.44
N ILE A 48 -2.83 -17.15 -1.61
CA ILE A 48 -1.69 -18.06 -1.64
C ILE A 48 -2.13 -19.47 -1.25
N HIS A 49 -2.93 -19.58 -0.18
CA HIS A 49 -3.41 -20.90 0.21
C HIS A 49 -4.31 -21.50 -0.86
N PHE A 50 -5.18 -20.69 -1.46
CA PHE A 50 -6.06 -21.18 -2.52
C PHE A 50 -5.26 -21.70 -3.71
N ILE A 51 -4.30 -20.90 -4.19
CA ILE A 51 -3.53 -21.29 -5.37
C ILE A 51 -2.69 -22.52 -5.07
N THR A 52 -2.09 -22.60 -3.88
CA THR A 52 -1.33 -23.79 -3.53
C THR A 52 -2.25 -25.01 -3.43
N PHE A 53 -3.53 -24.81 -3.11
CA PHE A 53 -4.45 -25.94 -3.13
C PHE A 53 -4.82 -26.33 -4.56
N CYS A 54 -4.95 -25.35 -5.47
CA CYS A 54 -5.25 -25.66 -6.86
C CYS A 54 -4.09 -26.36 -7.54
N GLN A 55 -2.86 -25.94 -7.23
CA GLN A 55 -1.71 -26.79 -7.48
C GLN A 55 -1.78 -27.99 -6.54
N GLU A 56 -1.04 -29.05 -6.89
CA GLU A 56 -1.09 -30.37 -6.26
C GLU A 56 -2.43 -31.06 -6.51
N LYS A 57 -3.37 -30.38 -7.17
CA LYS A 57 -4.56 -31.01 -7.72
C LYS A 57 -4.63 -30.92 -9.23
N GLY A 58 -3.76 -30.13 -9.86
CA GLY A 58 -3.65 -30.12 -11.31
C GLY A 58 -4.76 -29.41 -12.05
N VAL A 59 -5.48 -28.49 -11.39
CA VAL A 59 -6.62 -27.84 -12.01
C VAL A 59 -6.29 -26.44 -12.50
N ASP A 60 -5.07 -25.97 -12.28
CA ASP A 60 -4.66 -24.67 -12.79
C ASP A 60 -4.70 -24.61 -14.31
N GLU A 61 -4.71 -25.77 -14.98
CA GLU A 61 -4.87 -25.80 -16.44
C GLU A 61 -6.23 -25.29 -16.86
N TRP A 62 -7.24 -25.39 -15.99
CA TRP A 62 -8.60 -24.97 -16.30
C TRP A 62 -9.06 -23.79 -15.46
N LEU A 63 -8.15 -23.16 -14.69
CA LEU A 63 -8.53 -22.07 -13.81
C LEU A 63 -7.37 -21.10 -13.69
N THR A 64 -7.66 -19.80 -13.78
CA THR A 64 -6.64 -18.77 -13.62
C THR A 64 -7.06 -17.79 -12.55
N THR A 65 -6.19 -17.60 -11.56
CA THR A 65 -6.39 -16.64 -10.49
C THR A 65 -5.55 -15.40 -10.81
N THR A 66 -6.20 -14.26 -10.97
CA THR A 66 -5.51 -13.02 -11.29
C THR A 66 -5.76 -12.02 -10.17
N LYS A 67 -4.72 -11.70 -9.41
CA LYS A 67 -4.81 -10.69 -8.37
C LYS A 67 -4.72 -9.31 -9.02
N MET A 68 -5.73 -8.49 -8.79
CA MET A 68 -5.70 -7.13 -9.33
C MET A 68 -4.57 -6.34 -8.71
N THR A 69 -3.89 -5.54 -9.53
CA THR A 69 -2.97 -4.57 -9.01
C THR A 69 -3.74 -3.50 -8.23
N LYS A 70 -2.99 -2.63 -7.55
CA LYS A 70 -3.62 -1.54 -6.81
C LYS A 70 -4.46 -0.67 -7.73
N HIS A 71 -3.92 -0.35 -8.92
CA HIS A 71 -4.69 0.39 -9.90
C HIS A 71 -5.91 -0.39 -10.36
N GLN A 72 -5.73 -1.69 -10.66
CA GLN A 72 -6.86 -2.51 -11.07
C GLN A 72 -7.88 -2.67 -9.95
N ALA A 73 -7.41 -2.87 -8.72
CA ALA A 73 -8.34 -2.98 -7.60
C ALA A 73 -9.15 -1.70 -7.43
N PHE A 74 -8.51 -0.55 -7.56
CA PHE A 74 -9.24 0.71 -7.44
C PHE A 74 -10.24 0.89 -8.57
N LEU A 75 -9.83 0.57 -9.81
CA LEU A 75 -10.70 0.84 -10.95
C LEU A 75 -11.87 -0.13 -11.02
N PHE A 76 -11.62 -1.42 -10.81
CA PHE A 76 -12.60 -2.46 -11.08
C PHE A 76 -13.48 -2.79 -9.89
N GLY A 77 -13.21 -2.24 -8.72
CA GLY A 77 -13.93 -2.67 -7.55
C GLY A 77 -13.79 -4.16 -7.28
N ALA A 78 -12.70 -4.76 -7.72
CA ALA A 78 -12.44 -6.17 -7.53
C ALA A 78 -11.07 -6.35 -6.91
N ASP A 79 -10.95 -7.34 -6.04
CA ASP A 79 -9.66 -7.62 -5.44
C ASP A 79 -8.94 -8.77 -6.13
N TRP A 80 -9.68 -9.71 -6.72
CA TRP A 80 -9.07 -10.61 -7.69
C TRP A 80 -10.16 -11.15 -8.61
N ILE A 81 -9.74 -11.93 -9.60
CA ILE A 81 -10.65 -12.47 -10.60
C ILE A 81 -10.31 -13.93 -10.85
N TRP A 82 -11.32 -14.80 -10.77
CA TRP A 82 -11.18 -16.21 -11.10
C TRP A 82 -11.78 -16.44 -12.47
N THR A 83 -10.95 -16.82 -13.44
CA THR A 83 -11.43 -17.16 -14.77
C THR A 83 -11.45 -18.68 -14.89
N PHE A 84 -12.60 -19.22 -15.24
CA PHE A 84 -12.80 -20.65 -15.47
C PHE A 84 -12.82 -20.92 -16.95
N TRP A 85 -11.84 -21.69 -17.42
CA TRP A 85 -11.76 -22.15 -18.79
C TRP A 85 -12.44 -23.51 -18.93
N GLY A 86 -13.01 -23.76 -20.10
CA GLY A 86 -13.78 -24.96 -20.36
C GLY A 86 -12.95 -26.14 -20.82
N SER A 87 -13.64 -27.14 -21.34
CA SER A 87 -12.96 -28.28 -21.96
C SER A 87 -12.14 -27.81 -23.16
N ASP A 88 -12.67 -26.89 -23.94
CA ASP A 88 -11.92 -26.23 -25.00
C ASP A 88 -11.00 -25.18 -24.35
N LYS A 89 -10.38 -24.34 -25.18
CA LYS A 89 -9.51 -23.28 -24.69
C LYS A 89 -10.23 -21.94 -24.57
N GLN A 90 -11.52 -21.97 -24.23
CA GLN A 90 -12.36 -20.79 -24.20
C GLN A 90 -12.75 -20.44 -22.76
N ILE A 91 -12.87 -19.14 -22.50
CA ILE A 91 -13.34 -18.68 -21.20
C ILE A 91 -14.81 -19.03 -21.02
N LYS A 92 -15.13 -19.71 -19.94
CA LYS A 92 -16.50 -20.05 -19.61
C LYS A 92 -17.08 -19.25 -18.46
N LEU A 93 -16.26 -18.81 -17.50
CA LEU A 93 -16.81 -18.06 -16.38
C LEU A 93 -15.76 -17.10 -15.82
N GLN A 94 -16.24 -16.05 -15.14
CA GLN A 94 -15.35 -15.11 -14.46
C GLN A 94 -16.04 -14.60 -13.19
N LEU A 95 -15.43 -14.87 -12.04
CA LEU A 95 -15.87 -14.36 -10.76
C LEU A 95 -14.98 -13.20 -10.34
N ALA A 96 -15.56 -12.01 -10.21
CA ALA A 96 -14.84 -10.84 -9.74
C ALA A 96 -15.07 -10.73 -8.25
N VAL A 97 -14.04 -11.08 -7.47
CA VAL A 97 -14.16 -11.24 -6.02
C VAL A 97 -13.64 -9.99 -5.34
N GLN A 98 -14.50 -9.38 -4.52
CA GLN A 98 -14.17 -8.25 -3.66
C GLN A 98 -14.32 -8.69 -2.21
N THR A 99 -13.31 -8.39 -1.39
CA THR A 99 -13.34 -8.79 0.01
C THR A 99 -13.72 -7.61 0.90
N LEU A 100 -14.32 -7.92 2.04
CA LEU A 100 -14.73 -6.93 3.01
C LEU A 100 -14.30 -7.39 4.40
N GLN A 101 -14.02 -6.41 5.26
CA GLN A 101 -13.79 -6.64 6.68
C GLN A 101 -14.88 -5.91 7.45
N MET A 102 -15.82 -6.67 8.03
CA MET A 102 -16.92 -6.08 8.76
C MET A 102 -16.75 -6.16 10.27
N SER A 103 -15.58 -6.56 10.75
CA SER A 103 -15.27 -6.40 12.17
C SER A 103 -14.95 -4.95 12.50
N SER A 104 -14.37 -4.21 11.56
CA SER A 104 -14.06 -2.80 11.71
C SER A 104 -14.35 -2.08 10.39
N PRO A 105 -14.98 -0.90 10.44
CA PRO A 105 -15.26 -0.09 9.25
C PRO A 105 -13.98 0.31 8.51
N SER A 116 -12.03 2.92 4.16
CA SER A 116 -12.12 3.89 3.07
C SER A 116 -11.11 3.59 1.97
N ASN A 117 -11.57 3.65 0.72
CA ASN A 117 -10.73 3.32 -0.44
C ASN A 117 -9.68 4.40 -0.66
N PRO A 118 -8.38 4.07 -0.63
CA PRO A 118 -7.35 5.06 -0.93
C PRO A 118 -7.16 5.20 -2.44
N GLU A 119 -7.12 6.44 -2.91
CA GLU A 119 -7.08 6.69 -4.34
C GLU A 119 -5.66 6.55 -4.88
N SER A 120 -5.57 6.32 -6.18
CA SER A 120 -4.29 6.26 -6.87
C SER A 120 -3.81 7.69 -7.15
N ARG A 121 -2.84 7.83 -8.03
CA ARG A 121 -2.40 9.15 -8.49
C ARG A 121 -3.09 9.60 -9.77
N VAL A 122 -4.35 9.17 -9.97
CA VAL A 122 -5.11 9.60 -11.13
C VAL A 122 -5.46 11.09 -10.98
N GLU A 123 -5.39 11.82 -12.10
CA GLU A 123 -5.60 13.27 -12.07
C GLU A 123 -6.45 13.76 -13.23
N GLU A 124 -7.29 12.90 -13.79
CA GLU A 124 -8.15 13.32 -14.91
C GLU A 124 -9.59 13.54 -14.43
N SER A 126 -13.63 12.78 -10.88
CA SER A 126 -13.97 11.86 -11.96
C SER A 126 -14.35 10.48 -11.43
N TRP A 127 -13.52 9.95 -10.53
CA TRP A 127 -13.70 8.60 -9.98
C TRP A 127 -14.01 8.74 -8.50
N LYS A 128 -15.29 8.94 -8.18
CA LYS A 128 -15.71 9.10 -6.79
C LYS A 128 -16.79 8.09 -6.42
N LYS A 129 -16.85 6.96 -7.12
CA LYS A 129 -17.86 5.95 -6.84
C LYS A 129 -17.40 5.00 -5.75
N SER A 130 -18.36 4.28 -5.18
CA SER A 130 -18.07 3.25 -4.20
C SER A 130 -17.46 2.02 -4.87
N ARG A 131 -16.83 1.17 -4.04
CA ARG A 131 -16.37 -0.12 -4.55
C ARG A 131 -17.52 -0.95 -5.11
N PHE A 132 -18.72 -0.82 -4.53
CA PHE A 132 -19.88 -1.58 -5.00
C PHE A 132 -20.26 -1.17 -6.42
N ASP A 133 -20.41 0.13 -6.66
CA ASP A 133 -20.80 0.60 -7.99
C ASP A 133 -19.71 0.26 -9.01
N LYS A 134 -18.44 0.39 -8.61
CA LYS A 134 -17.37 0.05 -9.52
C LYS A 134 -17.40 -1.43 -9.89
N LEU A 135 -17.68 -2.30 -8.91
CA LEU A 135 -17.77 -3.73 -9.21
C LEU A 135 -18.96 -4.03 -10.12
N GLU A 136 -20.10 -3.38 -9.86
CA GLU A 136 -21.27 -3.60 -10.70
C GLU A 136 -21.00 -3.16 -12.14
N GLU A 137 -20.37 -1.99 -12.31
CA GLU A 137 -20.05 -1.51 -13.65
C GLU A 137 -19.02 -2.40 -14.33
N PHE A 138 -18.03 -2.89 -13.57
CA PHE A 138 -17.05 -3.80 -14.15
C PHE A 138 -17.74 -5.06 -14.66
N CYS A 139 -18.63 -5.65 -13.86
CA CYS A 139 -19.29 -6.88 -14.28
C CYS A 139 -20.27 -6.64 -15.43
N ASN A 140 -20.92 -5.48 -15.47
CA ASN A 140 -21.73 -5.14 -16.63
C ASN A 140 -20.87 -5.07 -17.89
N LEU A 141 -19.74 -4.36 -17.80
CA LEU A 141 -18.88 -4.15 -18.96
C LEU A 141 -18.29 -5.46 -19.47
N ILE A 142 -17.90 -6.35 -18.55
CA ILE A 142 -17.27 -7.60 -18.98
C ILE A 142 -18.26 -8.47 -19.74
N GLY A 143 -19.46 -8.65 -19.20
CA GLY A 143 -20.50 -9.36 -19.91
C GLY A 143 -21.36 -10.19 -18.99
N GLU A 144 -22.12 -11.11 -19.61
CA GLU A 144 -23.09 -11.92 -18.88
C GLU A 144 -22.41 -12.98 -18.02
N ASP A 145 -21.30 -13.55 -18.49
CA ASP A 145 -20.61 -14.62 -17.79
C ASP A 145 -19.62 -14.11 -16.75
N CYS A 146 -19.75 -12.85 -16.34
CA CYS A 146 -18.94 -12.28 -15.28
C CYS A 146 -19.85 -11.91 -14.12
N LEU A 147 -19.59 -12.49 -12.95
CA LEU A 147 -20.42 -12.29 -11.78
C LEU A 147 -19.59 -11.75 -10.63
N GLY A 148 -20.12 -10.75 -9.94
CA GLY A 148 -19.43 -10.20 -8.79
C GLY A 148 -19.75 -11.00 -7.53
N LEU A 149 -18.72 -11.17 -6.70
CA LEU A 149 -18.85 -11.97 -5.49
C LEU A 149 -18.14 -11.25 -4.36
N PHE A 150 -18.90 -10.93 -3.30
CA PHE A 150 -18.31 -10.39 -2.08
C PHE A 150 -17.97 -11.53 -1.14
N ILE A 151 -16.80 -11.45 -0.53
CA ILE A 151 -16.40 -12.38 0.53
C ILE A 151 -16.14 -11.57 1.79
N ILE A 152 -16.87 -11.88 2.85
CA ILE A 152 -16.79 -11.17 4.11
C ILE A 152 -15.87 -11.95 5.04
N PHE A 153 -14.75 -11.34 5.41
CA PHE A 153 -13.84 -11.86 6.42
C PHE A 153 -14.25 -11.25 7.76
N GLY A 154 -15.00 -12.00 8.55
CA GLY A 154 -15.41 -11.52 9.85
C GLY A 154 -16.61 -10.59 9.80
N MET A 155 -17.54 -10.78 10.72
CA MET A 155 -18.74 -9.97 10.86
C MET A 155 -18.75 -9.31 12.23
N PRO A 156 -19.67 -8.35 12.50
CA PRO A 156 -19.75 -7.80 13.86
C PRO A 156 -20.12 -8.88 14.87
N GLY A 157 -19.19 -9.24 15.74
CA GLY A 157 -19.30 -10.48 16.49
C GLY A 157 -18.97 -11.64 15.56
N LYS A 158 -18.34 -12.69 16.11
CA LYS A 158 -17.77 -13.76 15.28
C LYS A 158 -16.75 -13.18 14.31
N PRO A 159 -15.65 -12.61 14.81
CA PRO A 159 -14.66 -12.00 13.90
C PRO A 159 -13.96 -13.00 12.99
N LYS A 160 -14.06 -14.29 13.29
CA LYS A 160 -13.43 -15.34 12.49
C LYS A 160 -14.45 -16.08 11.61
N ASP A 161 -15.50 -15.39 11.18
CA ASP A 161 -16.53 -15.97 10.33
C ASP A 161 -16.34 -15.46 8.91
N ILE A 162 -16.20 -16.38 7.95
CA ILE A 162 -15.97 -16.05 6.56
C ILE A 162 -17.19 -16.49 5.76
N ARG A 163 -17.84 -15.53 5.11
CA ARG A 163 -19.06 -15.78 4.34
C ARG A 163 -18.93 -15.22 2.94
N GLY A 164 -19.91 -15.53 2.10
CA GLY A 164 -19.93 -15.03 0.74
C GLY A 164 -21.32 -14.60 0.34
N VAL A 165 -21.38 -13.56 -0.49
CA VAL A 165 -22.63 -13.02 -1.00
C VAL A 165 -22.46 -12.72 -2.49
N VAL A 166 -23.37 -13.26 -3.30
CA VAL A 166 -23.39 -12.91 -4.72
C VAL A 166 -23.91 -11.49 -4.89
N LEU A 167 -23.27 -10.73 -5.78
CA LEU A 167 -23.66 -9.34 -5.99
C LEU A 167 -25.12 -9.22 -6.43
N ASP A 168 -25.59 -10.17 -7.26
CA ASP A 168 -26.96 -10.10 -7.75
C ASP A 168 -27.97 -10.22 -6.62
N SER A 169 -27.66 -10.98 -5.57
CA SER A 169 -28.57 -11.09 -4.43
C SER A 169 -28.74 -9.74 -3.74
N VAL A 170 -27.62 -9.03 -3.54
CA VAL A 170 -27.69 -7.69 -2.95
C VAL A 170 -28.47 -6.75 -3.86
N LYS A 171 -28.24 -6.85 -5.18
CA LYS A 171 -28.96 -6.00 -6.11
C LYS A 171 -30.46 -6.25 -6.03
N SER A 172 -30.86 -7.51 -5.91
CA SER A 172 -32.28 -7.84 -5.77
C SER A 172 -32.85 -7.30 -4.46
N GLN A 173 -32.09 -7.42 -3.37
CA GLN A 173 -32.55 -6.87 -2.10
C GLN A 173 -32.66 -5.34 -2.16
N MET A 174 -31.88 -4.71 -3.04
CA MET A 174 -31.92 -3.25 -3.16
C MET A 174 -33.23 -2.74 -3.76
N VAL A 175 -33.96 -3.59 -4.49
CA VAL A 175 -35.27 -3.15 -5.00
C VAL A 175 -36.28 -3.02 -3.87
N ARG A 176 -36.00 -3.62 -2.71
CA ARG A 176 -36.85 -3.51 -1.54
C ARG A 176 -36.30 -2.52 -0.50
N SER A 177 -34.98 -2.47 -0.34
CA SER A 177 -34.39 -1.61 0.69
C SER A 177 -34.20 -0.17 0.23
N HIS A 178 -33.84 0.04 -1.05
CA HIS A 178 -33.63 1.36 -1.63
C HIS A 178 -32.55 2.14 -0.87
N LEU A 179 -31.44 1.49 -0.58
CA LEU A 179 -30.32 2.08 0.13
C LEU A 179 -29.02 1.74 -0.58
N PRO A 180 -27.94 2.49 -0.34
CA PRO A 180 -26.72 2.32 -1.13
C PRO A 180 -26.11 0.93 -1.03
N GLY A 181 -25.32 0.60 -2.06
CA GLY A 181 -24.91 -0.79 -2.27
C GLY A 181 -24.03 -1.34 -1.16
N GLY A 182 -23.11 -0.53 -0.62
CA GLY A 182 -22.28 -1.02 0.48
C GLY A 182 -23.10 -1.30 1.72
N LYS A 183 -23.98 -0.36 2.09
CA LYS A 183 -24.90 -0.60 3.19
C LYS A 183 -25.83 -1.75 2.87
N ALA A 184 -26.13 -1.97 1.59
CA ALA A 184 -26.96 -3.10 1.20
C ALA A 184 -26.24 -4.43 1.44
N VAL A 185 -24.95 -4.50 1.12
CA VAL A 185 -24.19 -5.72 1.39
C VAL A 185 -24.11 -5.94 2.90
N ALA A 186 -23.90 -4.86 3.66
CA ALA A 186 -23.88 -4.99 5.12
C ALA A 186 -25.21 -5.51 5.65
N GLN A 187 -26.32 -4.99 5.14
CA GLN A 187 -27.64 -5.45 5.56
C GLN A 187 -27.90 -6.88 5.11
N PHE A 188 -27.33 -7.29 3.98
CA PHE A 188 -27.56 -8.63 3.47
C PHE A 188 -26.78 -9.68 4.24
N VAL A 189 -25.56 -9.35 4.67
CA VAL A 189 -24.79 -10.36 5.41
C VAL A 189 -25.41 -10.61 6.77
N LEU A 190 -26.00 -9.58 7.39
CA LEU A 190 -26.93 -9.77 8.48
C LEU A 190 -28.31 -10.02 7.88
N GLU A 191 -29.33 -10.16 8.71
CA GLU A 191 -30.73 -10.21 8.27
C GLU A 191 -31.01 -11.46 7.44
N THR A 192 -30.01 -12.29 7.14
CA THR A 192 -30.16 -13.44 6.26
C THR A 192 -29.55 -14.66 6.94
N GLU A 193 -30.38 -15.68 7.18
CA GLU A 193 -29.92 -16.91 7.80
C GLU A 193 -29.86 -18.10 6.85
N ASP A 194 -30.62 -18.08 5.76
CA ASP A 194 -30.55 -19.16 4.78
C ASP A 194 -29.18 -19.16 4.11
N CYS A 195 -28.60 -20.35 3.97
CA CYS A 195 -27.26 -20.49 3.42
C CYS A 195 -27.25 -21.53 2.30
N VAL A 196 -26.38 -21.29 1.33
CA VAL A 196 -26.06 -22.23 0.27
C VAL A 196 -24.57 -22.52 0.36
N PHE A 197 -24.21 -23.81 0.43
CA PHE A 197 -22.81 -24.17 0.55
C PHE A 197 -22.05 -23.80 -0.72
N ILE A 198 -20.74 -23.54 -0.56
CA ILE A 198 -19.94 -23.07 -1.68
C ILE A 198 -19.84 -24.12 -2.78
N LYS A 199 -19.88 -25.40 -2.42
CA LYS A 199 -19.90 -26.46 -3.43
C LYS A 199 -21.26 -26.55 -4.10
N GLU A 200 -22.34 -26.26 -3.37
CA GLU A 200 -23.65 -26.17 -4.00
C GLU A 200 -23.66 -25.06 -5.05
N LEU A 201 -23.16 -23.89 -4.68
CA LEU A 201 -22.83 -22.88 -5.68
C LEU A 201 -21.66 -23.39 -6.51
N LEU A 202 -21.40 -22.72 -7.63
CA LEU A 202 -20.32 -23.03 -8.56
C LEU A 202 -20.51 -24.38 -9.25
N ARG A 203 -21.57 -25.13 -8.92
CA ARG A 203 -21.86 -26.33 -9.70
C ARG A 203 -22.26 -25.97 -11.14
N ASN A 204 -22.68 -24.73 -11.36
CA ASN A 204 -22.94 -24.19 -12.70
C ASN A 204 -21.72 -23.48 -13.26
N CYS A 205 -20.58 -24.18 -13.30
CA CYS A 205 -19.34 -23.53 -13.73
C CYS A 205 -19.34 -23.24 -15.23
N LEU A 206 -19.39 -24.29 -16.05
CA LEU A 206 -19.16 -24.18 -17.48
C LEU A 206 -20.44 -24.29 -18.30
N SER A 207 -21.59 -24.23 -17.65
CA SER A 207 -22.87 -24.34 -18.35
C SER A 207 -23.95 -23.73 -17.48
N LYS A 208 -25.04 -23.32 -18.12
CA LYS A 208 -26.25 -22.81 -17.47
C LYS A 208 -25.91 -21.75 -16.43
N LYS A 209 -25.35 -20.64 -16.92
CA LYS A 209 -25.05 -19.52 -16.03
C LYS A 209 -26.30 -18.91 -15.39
N ASP A 210 -27.50 -19.44 -15.67
CA ASP A 210 -28.70 -18.95 -15.02
C ASP A 210 -28.80 -19.40 -13.57
N GLY A 211 -28.15 -20.52 -13.23
CA GLY A 211 -28.21 -20.99 -11.85
C GLY A 211 -27.62 -19.98 -10.88
N LEU A 212 -26.43 -19.50 -11.17
CA LEU A 212 -25.92 -18.32 -10.50
C LEU A 212 -26.63 -17.08 -11.06
N ARG A 213 -26.59 -15.99 -10.28
CA ARG A 213 -27.28 -14.73 -10.57
C ARG A 213 -28.78 -14.89 -10.35
N GLU A 214 -29.23 -16.12 -10.12
CA GLU A 214 -30.59 -16.42 -9.69
C GLU A 214 -30.55 -17.24 -8.40
N VAL A 215 -29.51 -17.02 -7.58
CA VAL A 215 -29.37 -17.76 -6.34
C VAL A 215 -30.34 -17.27 -5.27
N GLY A 216 -30.90 -16.08 -5.43
CA GLY A 216 -31.95 -15.60 -4.55
C GLY A 216 -31.45 -15.03 -3.23
N LYS A 217 -32.39 -14.81 -2.32
CA LYS A 217 -32.08 -14.29 -0.99
C LYS A 217 -31.41 -15.38 -0.16
N VAL A 218 -30.09 -15.46 -0.23
CA VAL A 218 -29.34 -16.50 0.47
C VAL A 218 -27.87 -16.07 0.49
N TYR A 219 -27.18 -16.40 1.57
CA TYR A 219 -25.73 -16.19 1.61
C TYR A 219 -25.02 -17.50 1.32
N ILE A 220 -23.74 -17.40 1.00
CA ILE A 220 -22.92 -18.54 0.62
C ILE A 220 -22.00 -18.88 1.79
N SER A 221 -22.13 -20.10 2.30
CA SER A 221 -21.36 -20.53 3.46
C SER A 221 -20.09 -21.26 3.01
N ILE A 222 -18.99 -20.97 3.70
CA ILE A 222 -17.73 -21.64 3.39
C ILE A 222 -17.50 -22.78 4.38
N LEU A 223 -17.54 -22.47 5.68
CA LEU A 223 -17.48 -23.51 6.70
C LEU A 223 -18.78 -23.54 7.49
N ASN B 2 4.69 19.19 -9.11
CA ASN B 2 3.58 18.90 -10.01
C ASN B 2 4.04 18.81 -11.46
N PHE B 3 3.31 19.43 -12.38
CA PHE B 3 3.59 19.27 -13.80
C PHE B 3 2.94 20.42 -14.56
N ASP B 4 3.22 20.48 -15.87
CA ASP B 4 2.66 21.51 -16.74
C ASP B 4 1.65 20.97 -17.75
N TYR B 5 1.75 19.70 -18.13
CA TYR B 5 0.73 19.07 -18.98
C TYR B 5 0.49 17.65 -18.51
N MET B 6 -0.70 17.12 -18.81
CA MET B 6 -1.00 15.71 -18.59
C MET B 6 -1.74 15.16 -19.78
N PHE B 7 -1.22 14.09 -20.37
CA PHE B 7 -1.78 13.49 -21.57
C PHE B 7 -2.21 12.06 -21.27
N LYS B 8 -3.44 11.72 -21.68
CA LYS B 8 -3.91 10.35 -21.60
C LYS B 8 -3.57 9.62 -22.90
N LEU B 9 -2.82 8.54 -22.75
CA LEU B 9 -2.39 7.70 -23.86
C LEU B 9 -2.96 6.31 -23.65
N LEU B 10 -3.41 5.68 -24.73
CA LEU B 10 -3.87 4.30 -24.66
C LEU B 10 -3.08 3.46 -25.64
N ILE B 11 -2.89 2.19 -25.28
CA ILE B 11 -2.18 1.23 -26.11
C ILE B 11 -3.15 0.10 -26.42
N ILE B 12 -3.44 -0.08 -27.72
CA ILE B 12 -4.44 -1.02 -28.19
C ILE B 12 -3.85 -1.88 -29.30
N GLY B 13 -4.49 -3.01 -29.52
CA GLY B 13 -4.03 -3.99 -30.47
C GLY B 13 -4.39 -5.39 -30.02
N ASN B 14 -4.27 -6.34 -30.95
CA ASN B 14 -4.62 -7.72 -30.68
C ASN B 14 -3.82 -8.26 -29.50
N SER B 15 -4.28 -9.39 -28.97
CA SER B 15 -3.62 -10.06 -27.87
C SER B 15 -2.30 -10.67 -28.33
N SER B 16 -1.35 -10.77 -27.38
CA SER B 16 0.00 -11.30 -27.60
C SER B 16 0.80 -10.46 -28.58
N VAL B 17 0.45 -9.18 -28.72
CA VAL B 17 1.12 -8.33 -29.70
C VAL B 17 2.25 -7.52 -29.08
N GLY B 18 2.27 -7.37 -27.75
CA GLY B 18 3.36 -6.68 -27.08
C GLY B 18 2.98 -5.34 -26.47
N LYS B 19 1.71 -5.14 -26.13
CA LYS B 19 1.30 -3.86 -25.56
C LYS B 19 1.86 -3.67 -24.15
N THR B 20 1.73 -4.70 -23.31
CA THR B 20 2.30 -4.63 -21.97
C THR B 20 3.82 -4.58 -22.04
N SER B 21 4.42 -5.39 -22.91
CA SER B 21 5.87 -5.37 -23.06
C SER B 21 6.34 -3.99 -23.51
N PHE B 22 5.61 -3.37 -24.44
CA PHE B 22 5.92 -2.02 -24.87
C PHE B 22 5.89 -1.04 -23.69
N LEU B 23 4.80 -1.08 -22.91
CA LEU B 23 4.68 -0.16 -21.78
C LEU B 23 5.81 -0.37 -20.78
N PHE B 24 6.09 -1.63 -20.45
CA PHE B 24 7.11 -1.93 -19.45
C PHE B 24 8.50 -1.53 -19.92
N ARG B 25 8.80 -1.74 -21.20
CA ARG B 25 10.07 -1.28 -21.74
C ARG B 25 10.19 0.23 -21.62
N TYR B 26 9.12 0.96 -21.99
CA TYR B 26 9.20 2.41 -21.96
C TYR B 26 9.34 2.94 -20.53
N ALA B 27 8.63 2.32 -19.59
CA ALA B 27 8.57 2.85 -18.24
C ALA B 27 9.77 2.42 -17.39
N ASP B 28 10.09 1.13 -17.40
CA ASP B 28 11.07 0.57 -16.49
C ASP B 28 12.37 0.16 -17.17
N ASP B 29 12.49 0.31 -18.49
CA ASP B 29 13.68 -0.06 -19.23
C ASP B 29 14.06 -1.52 -18.95
N THR B 30 13.08 -2.41 -19.12
CA THR B 30 13.25 -3.81 -18.80
C THR B 30 12.34 -4.63 -19.70
N PHE B 31 12.54 -5.95 -19.70
CA PHE B 31 11.76 -6.85 -20.53
C PHE B 31 11.78 -8.24 -19.90
N THR B 32 10.65 -8.95 -20.03
CA THR B 32 10.55 -10.33 -19.57
C THR B 32 9.77 -11.14 -20.60
N PRO B 33 10.23 -12.34 -20.96
CA PRO B 33 9.57 -13.11 -22.02
C PRO B 33 8.28 -13.80 -21.58
N ALA B 34 8.00 -13.86 -20.29
CA ALA B 34 6.77 -14.49 -19.83
C ALA B 34 5.55 -13.70 -20.30
N PHE B 35 4.56 -14.42 -20.80
CA PHE B 35 3.33 -13.81 -21.31
C PHE B 35 2.27 -13.85 -20.21
N VAL B 36 2.04 -12.70 -19.57
CA VAL B 36 0.95 -12.53 -18.63
C VAL B 36 -0.05 -11.59 -19.30
N SER B 37 -1.18 -12.16 -19.74
CA SER B 37 -2.17 -11.36 -20.48
C SER B 37 -2.90 -10.41 -19.53
N THR B 38 -3.15 -9.19 -20.02
CA THR B 38 -3.78 -8.15 -19.22
C THR B 38 -5.26 -8.44 -19.04
N VAL B 39 -5.74 -8.29 -17.81
CA VAL B 39 -7.15 -8.54 -17.49
C VAL B 39 -7.86 -7.19 -17.52
N GLY B 40 -8.57 -6.94 -18.62
CA GLY B 40 -9.33 -5.72 -18.76
C GLY B 40 -8.48 -4.53 -19.16
N ILE B 41 -7.79 -3.93 -18.20
CA ILE B 41 -6.98 -2.75 -18.48
C ILE B 41 -6.08 -2.49 -17.28
N ASP B 42 -4.97 -1.80 -17.50
CA ASP B 42 -4.15 -1.30 -16.40
C ASP B 42 -3.51 0.01 -16.86
N PHE B 43 -2.75 0.66 -15.98
CA PHE B 43 -2.11 1.90 -16.41
C PHE B 43 -0.87 2.22 -15.57
N LYS B 44 0.01 3.03 -16.16
CA LYS B 44 1.25 3.48 -15.55
C LYS B 44 1.48 4.94 -15.88
N VAL B 45 2.15 5.64 -14.98
CA VAL B 45 2.40 7.07 -15.12
C VAL B 45 3.88 7.28 -15.36
N LYS B 46 4.21 8.07 -16.38
CA LYS B 46 5.61 8.41 -16.66
C LYS B 46 5.73 9.90 -16.91
N THR B 47 6.73 10.53 -16.30
CA THR B 47 6.98 11.95 -16.48
C THR B 47 8.11 12.14 -17.47
N VAL B 48 7.89 13.02 -18.45
CA VAL B 48 8.88 13.32 -19.47
C VAL B 48 9.01 14.84 -19.58
N TYR B 49 10.08 15.27 -20.26
CA TYR B 49 10.38 16.68 -20.46
C TYR B 49 10.52 16.93 -21.95
N ARG B 50 9.57 17.66 -22.51
CA ARG B 50 9.55 17.96 -23.95
C ARG B 50 9.23 19.43 -24.16
N HIS B 51 9.94 20.05 -25.11
CA HIS B 51 9.76 21.47 -25.42
C HIS B 51 9.98 22.33 -24.20
N GLU B 52 10.95 21.94 -23.35
CA GLU B 52 11.23 22.62 -22.08
C GLU B 52 10.02 22.68 -21.16
N LYS B 53 9.16 21.67 -21.24
CA LYS B 53 7.95 21.59 -20.43
C LYS B 53 7.85 20.22 -19.78
N ARG B 54 7.25 20.19 -18.59
CA ARG B 54 7.04 18.94 -17.86
C ARG B 54 5.69 18.36 -18.28
N VAL B 55 5.74 17.18 -18.91
CA VAL B 55 4.55 16.51 -19.41
C VAL B 55 4.43 15.17 -18.70
N LYS B 56 3.32 14.97 -18.00
CA LYS B 56 2.99 13.68 -17.42
C LYS B 56 2.17 12.88 -18.42
N LEU B 57 2.46 11.58 -18.49
CA LEU B 57 1.80 10.66 -19.41
C LEU B 57 1.12 9.60 -18.58
N GLN B 58 -0.21 9.52 -18.70
CA GLN B 58 -0.99 8.46 -18.09
C GLN B 58 -1.27 7.45 -19.18
N ILE B 59 -0.50 6.36 -19.17
CA ILE B 59 -0.48 5.41 -20.27
C ILE B 59 -1.27 4.18 -19.85
N TRP B 60 -2.34 3.90 -20.57
CA TRP B 60 -3.24 2.79 -20.29
C TRP B 60 -2.89 1.65 -21.22
N ASP B 61 -2.70 0.47 -20.64
CA ASP B 61 -2.47 -0.77 -21.36
C ASP B 61 -3.80 -1.49 -21.45
N THR B 62 -4.36 -1.58 -22.67
CA THR B 62 -5.64 -2.26 -22.82
C THR B 62 -5.43 -3.74 -23.10
N ALA B 63 -6.48 -4.52 -22.89
CA ALA B 63 -6.45 -5.94 -23.21
C ALA B 63 -6.84 -6.14 -24.67
N GLY B 64 -6.22 -7.13 -25.30
CA GLY B 64 -6.43 -7.34 -26.73
C GLY B 64 -7.54 -8.31 -27.06
N LEU B 65 -8.00 -9.06 -26.07
CA LEU B 65 -9.03 -10.07 -26.32
C LEU B 65 -10.39 -9.40 -26.54
N GLU B 66 -11.15 -9.94 -27.50
CA GLU B 66 -12.49 -9.42 -27.77
C GLU B 66 -13.35 -9.40 -26.52
N ARG B 67 -13.10 -10.34 -25.59
CA ARG B 67 -13.88 -10.42 -24.36
C ARG B 67 -13.85 -9.11 -23.59
N TYR B 68 -12.72 -8.42 -23.59
CA TYR B 68 -12.60 -7.14 -22.88
C TYR B 68 -12.84 -5.95 -23.80
N ARG B 69 -13.14 -6.18 -25.08
CA ARG B 69 -13.24 -5.06 -26.00
C ARG B 69 -14.32 -4.08 -25.56
N THR B 70 -15.36 -4.55 -24.87
CA THR B 70 -16.35 -3.62 -24.33
C THR B 70 -15.74 -2.78 -23.21
N ILE B 71 -15.18 -3.42 -22.18
CA ILE B 71 -14.71 -2.67 -21.02
C ILE B 71 -13.59 -1.71 -21.43
N THR B 72 -12.64 -2.20 -22.24
CA THR B 72 -11.57 -1.34 -22.73
C THR B 72 -12.13 -0.12 -23.44
N THR B 73 -13.18 -0.30 -24.25
CA THR B 73 -13.68 0.84 -25.00
C THR B 73 -14.18 1.95 -24.07
N ALA B 74 -14.75 1.57 -22.91
CA ALA B 74 -15.23 2.59 -22.00
C ALA B 74 -14.10 3.51 -21.55
N TYR B 75 -12.87 3.00 -21.50
CA TYR B 75 -11.73 3.79 -21.07
C TYR B 75 -11.08 4.59 -22.18
N TYR B 76 -11.60 4.51 -23.41
CA TYR B 76 -11.14 5.43 -24.45
C TYR B 76 -11.57 6.86 -24.16
N ARG B 77 -12.52 7.06 -23.24
CA ARG B 77 -12.98 8.40 -22.89
C ARG B 77 -11.80 9.27 -22.46
N GLY B 78 -11.75 10.49 -22.97
CA GLY B 78 -10.71 11.42 -22.59
C GLY B 78 -9.33 11.07 -23.09
N ALA B 79 -9.18 10.01 -23.86
CA ALA B 79 -7.88 9.68 -24.42
C ALA B 79 -7.47 10.74 -25.43
N MET B 80 -6.19 11.11 -25.38
CA MET B 80 -5.63 12.05 -26.35
C MET B 80 -4.70 11.39 -27.35
N GLY B 81 -4.16 10.22 -27.05
CA GLY B 81 -3.28 9.56 -28.00
C GLY B 81 -3.43 8.05 -27.97
N PHE B 82 -3.13 7.43 -29.11
CA PHE B 82 -3.24 5.98 -29.24
C PHE B 82 -1.98 5.40 -29.86
N ILE B 83 -1.51 4.30 -29.28
CA ILE B 83 -0.51 3.43 -29.88
C ILE B 83 -1.26 2.21 -30.39
N LEU B 84 -1.50 2.18 -31.70
CA LEU B 84 -2.12 1.03 -32.36
C LEU B 84 -1.01 0.07 -32.76
N MET B 85 -1.00 -1.12 -32.18
CA MET B 85 0.11 -2.04 -32.33
C MET B 85 -0.34 -3.28 -33.11
N TYR B 86 0.47 -3.69 -34.07
CA TYR B 86 0.37 -5.03 -34.64
C TYR B 86 1.71 -5.72 -34.43
N ASP B 87 1.73 -7.02 -34.71
CA ASP B 87 2.92 -7.84 -34.58
C ASP B 87 3.37 -8.23 -35.98
N ILE B 88 4.61 -7.88 -36.34
CA ILE B 88 5.09 -8.21 -37.67
C ILE B 88 5.24 -9.72 -37.85
N THR B 89 5.27 -10.48 -36.76
CA THR B 89 5.25 -11.93 -36.85
C THR B 89 3.86 -12.47 -37.21
N ASN B 90 2.80 -11.71 -36.90
CA ASN B 90 1.43 -12.22 -36.90
C ASN B 90 0.58 -11.43 -37.87
N GLU B 91 0.22 -12.05 -39.00
CA GLU B 91 -0.53 -11.35 -40.03
C GLU B 91 -1.94 -10.97 -39.57
N GLU B 92 -2.57 -11.83 -38.76
CA GLU B 92 -3.90 -11.52 -38.25
C GLU B 92 -3.91 -10.18 -37.51
N SER B 93 -2.83 -9.89 -36.78
CA SER B 93 -2.72 -8.62 -36.04
C SER B 93 -2.69 -7.44 -36.99
N PHE B 94 -1.98 -7.55 -38.12
CA PHE B 94 -1.95 -6.45 -39.07
C PHE B 94 -3.28 -6.31 -39.80
N ASN B 95 -3.94 -7.43 -40.11
CA ASN B 95 -5.24 -7.34 -40.78
C ASN B 95 -6.28 -6.66 -39.89
N ALA B 96 -6.11 -6.77 -38.58
CA ALA B 96 -7.05 -6.19 -37.62
C ALA B 96 -6.88 -4.68 -37.45
N VAL B 97 -5.88 -4.08 -38.10
CA VAL B 97 -5.53 -2.69 -37.84
C VAL B 97 -6.68 -1.76 -38.22
N GLN B 98 -7.30 -1.98 -39.39
CA GLN B 98 -8.37 -1.09 -39.83
C GLN B 98 -9.53 -1.08 -38.84
N ASP B 99 -9.86 -2.26 -38.30
CA ASP B 99 -10.90 -2.35 -37.29
C ASP B 99 -10.53 -1.56 -36.05
N TRP B 100 -9.28 -1.68 -35.61
CA TRP B 100 -8.83 -0.91 -34.45
C TRP B 100 -8.92 0.59 -34.70
N ALA B 101 -8.54 1.03 -35.91
CA ALA B 101 -8.56 2.44 -36.23
C ALA B 101 -9.99 2.98 -36.25
N THR B 102 -10.93 2.25 -36.86
CA THR B 102 -12.32 2.69 -36.79
C THR B 102 -12.86 2.60 -35.37
N GLN B 103 -12.32 1.72 -34.53
CA GLN B 103 -12.73 1.70 -33.13
C GLN B 103 -12.27 2.96 -32.40
N ILE B 104 -11.06 3.42 -32.69
CA ILE B 104 -10.60 4.72 -32.20
C ILE B 104 -11.55 5.82 -32.67
N LYS B 105 -11.88 5.81 -33.96
CA LYS B 105 -12.76 6.83 -34.52
C LYS B 105 -14.14 6.81 -33.86
N THR B 106 -14.68 5.62 -33.61
CA THR B 106 -16.01 5.48 -33.03
C THR B 106 -16.06 5.92 -31.59
N TYR B 107 -15.09 5.48 -30.77
CA TYR B 107 -15.25 5.56 -29.33
C TYR B 107 -14.56 6.75 -28.67
N SER B 108 -13.56 7.36 -29.29
CA SER B 108 -13.04 8.62 -28.77
C SER B 108 -13.19 9.76 -29.77
N TRP B 109 -12.49 9.70 -30.91
CA TRP B 109 -12.36 10.77 -31.90
C TRP B 109 -12.39 12.16 -31.27
N ASP B 110 -11.50 12.39 -30.30
CA ASP B 110 -11.38 13.68 -29.63
C ASP B 110 -10.20 14.46 -30.19
N ASN B 111 -10.01 14.40 -31.51
CA ASN B 111 -8.77 14.81 -32.16
C ASN B 111 -7.60 14.02 -31.58
N ALA B 112 -7.81 12.72 -31.39
CA ALA B 112 -6.78 11.86 -30.84
C ALA B 112 -5.76 11.49 -31.92
N GLN B 113 -4.51 11.78 -31.64
CA GLN B 113 -3.42 11.39 -32.54
C GLN B 113 -3.14 9.91 -32.38
N VAL B 114 -2.84 9.24 -33.50
CA VAL B 114 -2.59 7.80 -33.51
C VAL B 114 -1.20 7.55 -34.09
N ILE B 115 -0.53 6.55 -33.53
CA ILE B 115 0.74 6.05 -34.07
C ILE B 115 0.56 4.57 -34.34
N LEU B 116 0.94 4.13 -35.55
CA LEU B 116 0.92 2.73 -35.90
C LEU B 116 2.30 2.14 -35.64
N VAL B 117 2.34 1.01 -34.93
CA VAL B 117 3.59 0.39 -34.53
C VAL B 117 3.54 -1.10 -34.86
N GLY B 118 4.54 -1.56 -35.60
CA GLY B 118 4.77 -2.99 -35.75
C GLY B 118 5.82 -3.47 -34.78
N ASN B 119 5.39 -4.18 -33.74
CA ASN B 119 6.29 -4.65 -32.70
C ASN B 119 7.06 -5.89 -33.18
N LYS B 120 7.94 -6.40 -32.31
CA LYS B 120 8.68 -7.64 -32.54
C LYS B 120 9.57 -7.58 -33.79
N CYS B 121 10.05 -6.38 -34.14
CA CYS B 121 10.90 -6.25 -35.31
C CYS B 121 12.27 -6.88 -35.12
N ASP B 122 12.62 -7.29 -33.90
CA ASP B 122 13.79 -8.13 -33.69
C ASP B 122 13.60 -9.52 -34.27
N MET B 123 12.36 -9.93 -34.53
CA MET B 123 12.05 -11.26 -35.07
C MET B 123 11.94 -11.21 -36.59
N GLU B 124 13.04 -10.79 -37.22
CA GLU B 124 13.06 -10.67 -38.67
C GLU B 124 12.91 -12.02 -39.35
N GLU B 125 13.43 -13.08 -38.74
CA GLU B 125 13.33 -14.41 -39.33
C GLU B 125 11.89 -14.90 -39.41
N GLU B 126 10.99 -14.33 -38.62
CA GLU B 126 9.59 -14.74 -38.59
C GLU B 126 8.65 -13.63 -39.06
N ARG B 127 9.16 -12.64 -39.79
CA ARG B 127 8.33 -11.55 -40.27
C ARG B 127 7.40 -12.03 -41.38
N VAL B 128 6.12 -11.68 -41.26
CA VAL B 128 5.15 -11.98 -42.31
C VAL B 128 4.51 -10.72 -42.90
N VAL B 129 4.63 -9.57 -42.25
CA VAL B 129 4.12 -8.31 -42.77
C VAL B 129 5.33 -7.46 -43.18
N PRO B 130 5.51 -7.16 -44.46
CA PRO B 130 6.63 -6.31 -44.86
C PRO B 130 6.46 -4.90 -44.32
N THR B 131 7.59 -4.23 -44.12
CA THR B 131 7.58 -2.83 -43.67
C THR B 131 6.75 -1.96 -44.61
N GLU B 132 6.81 -2.24 -45.91
CA GLU B 132 6.10 -1.42 -46.88
C GLU B 132 4.59 -1.46 -46.64
N LYS B 133 4.05 -2.62 -46.26
CA LYS B 133 2.61 -2.71 -45.99
C LYS B 133 2.21 -1.79 -44.85
N GLY B 134 2.96 -1.83 -43.75
CA GLY B 134 2.66 -0.96 -42.63
C GLY B 134 2.77 0.50 -43.00
N GLN B 135 3.83 0.87 -43.74
CA GLN B 135 3.98 2.25 -44.18
C GLN B 135 2.78 2.67 -45.02
N LEU B 136 2.33 1.81 -45.93
CA LEU B 136 1.22 2.14 -46.82
C LEU B 136 -0.07 2.34 -46.04
N LEU B 137 -0.37 1.41 -45.12
CA LEU B 137 -1.60 1.52 -44.35
C LEU B 137 -1.58 2.76 -43.47
N ALA B 138 -0.43 3.05 -42.84
CA ALA B 138 -0.33 4.25 -42.02
C ALA B 138 -0.49 5.51 -42.86
N GLU B 139 0.14 5.55 -44.03
CA GLU B 139 0.04 6.72 -44.89
C GLU B 139 -1.40 6.93 -45.32
N GLN B 140 -2.11 5.85 -45.64
CA GLN B 140 -3.52 5.93 -46.00
C GLN B 140 -4.34 6.49 -44.85
N LEU B 141 -4.22 5.90 -43.67
CA LEU B 141 -5.04 6.31 -42.53
C LEU B 141 -4.61 7.64 -41.93
N GLY B 142 -3.46 8.18 -42.33
CA GLY B 142 -2.97 9.43 -41.77
C GLY B 142 -2.25 9.29 -40.45
N PHE B 143 -1.66 8.13 -40.18
CA PHE B 143 -0.90 7.89 -38.97
C PHE B 143 0.60 7.94 -39.25
N ASP B 144 1.36 8.28 -38.23
CA ASP B 144 2.79 8.06 -38.27
C ASP B 144 3.09 6.59 -37.98
N PHE B 145 4.25 6.13 -38.43
CA PHE B 145 4.53 4.70 -38.45
C PHE B 145 5.91 4.41 -37.88
N PHE B 146 5.99 3.36 -37.06
CA PHE B 146 7.24 2.86 -36.51
C PHE B 146 7.21 1.35 -36.42
N GLU B 147 8.32 0.72 -36.80
CA GLU B 147 8.58 -0.67 -36.46
C GLU B 147 9.49 -0.69 -35.24
N ALA B 148 9.10 -1.44 -34.22
CA ALA B 148 9.76 -1.36 -32.93
C ALA B 148 9.99 -2.76 -32.39
N SER B 149 10.75 -2.82 -31.30
CA SER B 149 10.91 -4.06 -30.53
C SER B 149 10.91 -3.72 -29.06
N ALA B 150 9.95 -4.26 -28.32
CA ALA B 150 10.01 -4.14 -26.86
C ALA B 150 11.11 -5.00 -26.28
N LYS B 151 11.48 -6.09 -26.95
CA LYS B 151 12.52 -6.97 -26.44
C LYS B 151 13.88 -6.29 -26.45
N GLU B 152 14.22 -5.62 -27.55
CA GLU B 152 15.55 -5.04 -27.74
C GLU B 152 15.57 -3.52 -27.55
N ASN B 153 14.43 -2.91 -27.21
CA ASN B 153 14.33 -1.46 -27.03
C ASN B 153 14.75 -0.73 -28.31
N ILE B 154 13.97 -0.95 -29.37
CA ILE B 154 14.12 -0.24 -30.64
C ILE B 154 12.84 0.54 -30.88
N SER B 155 12.98 1.85 -31.10
CA SER B 155 11.89 2.74 -31.50
C SER B 155 10.73 2.78 -30.52
N VAL B 156 10.96 2.42 -29.26
CA VAL B 156 9.92 2.58 -28.24
C VAL B 156 9.81 4.04 -27.82
N ARG B 157 10.92 4.58 -27.31
CA ARG B 157 10.97 5.99 -26.93
C ARG B 157 10.59 6.88 -28.10
N GLN B 158 11.06 6.55 -29.30
CA GLN B 158 10.74 7.36 -30.47
C GLN B 158 9.24 7.37 -30.75
N ALA B 159 8.59 6.22 -30.61
CA ALA B 159 7.15 6.15 -30.83
C ALA B 159 6.40 7.02 -29.83
N PHE B 160 6.73 6.87 -28.54
CA PHE B 160 6.04 7.68 -27.53
C PHE B 160 6.31 9.17 -27.73
N GLU B 161 7.55 9.54 -28.02
CA GLU B 161 7.88 10.93 -28.21
C GLU B 161 7.17 11.51 -29.44
N ARG B 162 7.04 10.71 -30.50
CA ARG B 162 6.32 11.18 -31.68
C ARG B 162 4.86 11.42 -31.35
N LEU B 163 4.25 10.51 -30.58
CA LEU B 163 2.87 10.71 -30.16
C LEU B 163 2.74 12.00 -29.35
N VAL B 164 3.66 12.22 -28.42
CA VAL B 164 3.61 13.42 -27.58
C VAL B 164 3.79 14.68 -28.44
N ASP B 165 4.71 14.63 -29.41
CA ASP B 165 4.92 15.77 -30.30
C ASP B 165 3.66 16.07 -31.10
N ALA B 166 3.00 15.03 -31.62
CA ALA B 166 1.77 15.24 -32.37
C ALA B 166 0.71 15.89 -31.50
N ILE B 167 0.55 15.40 -30.27
CA ILE B 167 -0.44 15.98 -29.36
C ILE B 167 -0.11 17.44 -29.06
N CYS B 168 1.17 17.74 -28.83
CA CYS B 168 1.57 19.11 -28.52
C CYS B 168 1.30 20.05 -29.68
N ASP B 169 1.60 19.61 -30.91
CA ASP B 169 1.46 20.48 -32.07
C ASP B 169 0.01 20.90 -32.30
N LYS B 170 -0.93 19.99 -32.06
CA LYS B 170 -2.35 20.30 -32.20
C LYS B 170 -2.83 21.10 -30.99
N MET B 171 -2.36 22.35 -30.95
CA MET B 171 -2.77 23.31 -29.91
C MET B 171 -2.42 24.73 -30.34
N PRO C 5 12.07 -13.46 35.26
CA PRO C 5 12.74 -14.40 34.34
C PRO C 5 13.58 -13.68 33.31
N VAL C 6 14.33 -14.44 32.51
CA VAL C 6 15.07 -13.88 31.39
C VAL C 6 14.18 -13.92 30.16
N VAL C 7 13.86 -12.74 29.63
CA VAL C 7 12.95 -12.65 28.50
C VAL C 7 13.64 -12.85 27.15
N CYS C 8 14.98 -12.77 27.12
CA CYS C 8 15.67 -12.91 25.85
C CYS C 8 15.47 -14.29 25.25
N GLU C 9 15.39 -15.31 26.09
CA GLU C 9 15.20 -16.68 25.58
C GLU C 9 13.85 -16.82 24.88
N VAL C 10 12.78 -16.36 25.51
CA VAL C 10 11.46 -16.49 24.88
C VAL C 10 11.37 -15.55 23.68
N VAL C 11 12.06 -14.41 23.69
CA VAL C 11 12.06 -13.55 22.51
C VAL C 11 12.75 -14.26 21.34
N SER C 12 13.87 -14.92 21.59
CA SER C 12 14.54 -15.68 20.54
C SER C 12 13.66 -16.82 20.04
N GLU C 13 12.97 -17.51 20.96
CA GLU C 13 12.04 -18.56 20.56
C GLU C 13 10.93 -18.01 19.69
N ALA C 14 10.43 -16.82 20.03
CA ALA C 14 9.40 -16.19 19.22
C ALA C 14 9.93 -15.86 17.83
N ILE C 15 11.17 -15.37 17.74
CA ILE C 15 11.74 -15.07 16.44
C ILE C 15 11.85 -16.33 15.59
N VAL C 16 12.36 -17.42 16.17
CA VAL C 16 12.54 -18.63 15.37
C VAL C 16 11.19 -19.23 15.00
N HIS C 17 10.20 -19.14 15.91
CA HIS C 17 8.86 -19.63 15.61
C HIS C 17 8.21 -18.83 14.48
N ALA C 18 8.33 -17.49 14.54
CA ALA C 18 7.78 -16.67 13.48
C ALA C 18 8.46 -16.95 12.15
N ALA C 19 9.78 -17.12 12.16
CA ALA C 19 10.49 -17.40 10.91
C ALA C 19 10.12 -18.75 10.32
N GLN C 20 9.99 -19.77 11.17
CA GLN C 20 9.60 -21.08 10.66
C GLN C 20 8.14 -21.13 10.23
N LYS C 21 7.29 -20.27 10.79
CA LYS C 21 5.94 -20.14 10.25
C LYS C 21 5.96 -19.40 8.91
N LEU C 22 6.85 -18.41 8.78
CA LEU C 22 6.92 -17.60 7.56
C LEU C 22 7.51 -18.38 6.39
N LYS C 23 8.40 -19.34 6.67
CA LYS C 23 9.09 -20.06 5.59
C LYS C 23 8.12 -20.76 4.63
N GLU C 24 6.91 -21.08 5.10
CA GLU C 24 5.91 -21.68 4.22
C GLU C 24 5.57 -20.73 3.07
N TYR C 25 5.46 -19.43 3.36
CA TYR C 25 5.05 -18.46 2.35
C TYR C 25 6.19 -18.04 1.44
N LEU C 26 7.45 -18.16 1.86
CA LEU C 26 8.55 -17.77 1.00
C LEU C 26 8.68 -18.73 -0.18
N GLY C 27 9.29 -18.24 -1.25
CA GLY C 27 9.42 -19.02 -2.46
C GLY C 27 8.11 -19.29 -3.17
N PHE C 28 7.22 -18.31 -3.19
CA PHE C 28 5.92 -18.43 -3.83
C PHE C 28 5.80 -17.41 -4.94
N GLU C 29 5.24 -17.83 -6.06
CA GLU C 29 4.94 -16.95 -7.19
C GLU C 29 3.55 -17.27 -7.72
N TYR C 30 2.84 -16.24 -8.13
CA TYR C 30 1.47 -16.41 -8.63
C TYR C 30 1.51 -17.21 -9.93
N PRO C 31 0.39 -17.87 -10.28
CA PRO C 31 0.42 -18.93 -11.32
C PRO C 31 1.25 -18.54 -12.55
N PRO C 32 0.97 -17.40 -13.25
CA PRO C 32 1.89 -17.03 -14.33
C PRO C 32 3.03 -16.14 -13.88
N SER C 33 3.64 -16.47 -12.75
CA SER C 33 4.65 -15.64 -12.08
C SER C 33 4.29 -14.16 -12.15
N LYS C 34 3.12 -13.83 -11.60
CA LYS C 34 2.76 -12.42 -11.47
C LYS C 34 3.76 -11.68 -10.58
N LEU C 35 3.92 -12.13 -9.33
CA LEU C 35 5.00 -11.69 -8.45
C LEU C 35 4.95 -12.59 -7.21
N CYS C 36 5.76 -12.27 -6.23
CA CYS C 36 5.78 -12.95 -4.93
C CYS C 36 4.93 -12.18 -3.93
N PRO C 37 4.61 -12.76 -2.78
CA PRO C 37 3.84 -12.01 -1.79
C PRO C 37 4.53 -10.71 -1.40
N ALA C 38 3.72 -9.69 -1.15
CA ALA C 38 4.22 -8.36 -0.89
C ALA C 38 5.02 -8.29 0.41
N ALA C 39 5.92 -7.31 0.47
CA ALA C 39 6.77 -7.16 1.64
C ALA C 39 5.95 -6.89 2.88
N ASN C 40 4.91 -6.05 2.75
CA ASN C 40 4.06 -5.76 3.91
C ASN C 40 3.35 -7.02 4.38
N THR C 41 2.93 -7.88 3.44
CA THR C 41 2.29 -9.13 3.83
C THR C 41 3.25 -10.02 4.60
N LEU C 42 4.49 -10.15 4.14
CA LEU C 42 5.47 -10.97 4.84
C LEU C 42 5.75 -10.43 6.23
N ASN C 43 5.95 -9.10 6.33
CA ASN C 43 6.20 -8.48 7.62
C ASN C 43 5.03 -8.69 8.57
N GLU C 44 3.80 -8.53 8.06
CA GLU C 44 2.62 -8.68 8.90
C GLU C 44 2.45 -10.12 9.38
N ILE C 45 2.69 -11.10 8.51
CA ILE C 45 2.62 -12.50 8.93
C ILE C 45 3.63 -12.78 10.03
N PHE C 46 4.88 -12.34 9.81
CA PHE C 46 5.93 -12.58 10.78
C PHE C 46 5.58 -11.95 12.13
N LEU C 47 5.12 -10.70 12.10
CA LEU C 47 4.79 -10.01 13.35
C LEU C 47 3.60 -10.64 14.04
N ILE C 48 2.60 -11.10 13.28
CA ILE C 48 1.44 -11.73 13.90
C ILE C 48 1.87 -12.98 14.66
N HIS C 49 2.68 -13.83 14.02
CA HIS C 49 3.13 -15.04 14.71
C HIS C 49 4.01 -14.70 15.91
N PHE C 50 4.90 -13.70 15.76
CA PHE C 50 5.78 -13.32 16.87
C PHE C 50 4.97 -12.82 18.06
N ILE C 51 3.99 -11.94 17.82
CA ILE C 51 3.22 -11.36 18.90
C ILE C 51 2.33 -12.41 19.56
N THR C 52 1.75 -13.33 18.77
CA THR C 52 0.96 -14.39 19.38
C THR C 52 1.83 -15.29 20.25
N PHE C 53 3.06 -15.59 19.79
CA PHE C 53 3.96 -16.38 20.61
C PHE C 53 4.30 -15.67 21.92
N CYS C 54 4.60 -14.37 21.84
CA CYS C 54 4.93 -13.61 23.04
C CYS C 54 3.75 -13.51 24.00
N GLN C 55 2.53 -13.39 23.46
CA GLN C 55 1.34 -13.39 24.29
C GLN C 55 1.17 -14.73 24.98
N GLU C 56 1.34 -15.82 24.24
CA GLU C 56 1.18 -17.16 24.81
C GLU C 56 2.27 -17.48 25.82
N LYS C 57 3.41 -16.79 25.78
CA LYS C 57 4.43 -16.93 26.81
C LYS C 57 4.36 -15.85 27.88
N GLY C 58 3.47 -14.86 27.74
CA GLY C 58 3.29 -13.85 28.75
C GLY C 58 4.40 -12.82 28.84
N VAL C 59 5.29 -12.77 27.85
CA VAL C 59 6.45 -11.88 27.92
C VAL C 59 6.16 -10.47 27.45
N ASP C 60 4.99 -10.21 26.87
CA ASP C 60 4.70 -8.90 26.31
C ASP C 60 4.68 -7.80 27.37
N GLU C 61 4.56 -8.16 28.66
CA GLU C 61 4.65 -7.16 29.72
C GLU C 61 6.02 -6.52 29.77
N TRP C 62 7.04 -7.16 29.20
CA TRP C 62 8.40 -6.64 29.18
C TRP C 62 8.90 -6.32 27.77
N LEU C 63 8.03 -6.38 26.76
CA LEU C 63 8.45 -6.16 25.38
C LEU C 63 7.30 -5.58 24.58
N THR C 64 7.56 -4.52 23.84
CA THR C 64 6.55 -3.87 23.01
C THR C 64 7.01 -3.87 21.57
N THR C 65 6.22 -4.50 20.71
CA THR C 65 6.44 -4.45 19.27
C THR C 65 5.58 -3.34 18.70
N THR C 66 6.19 -2.45 17.91
CA THR C 66 5.47 -1.36 17.28
C THR C 66 5.73 -1.44 15.78
N LYS C 67 4.69 -1.83 15.03
CA LYS C 67 4.81 -1.87 13.58
C LYS C 67 4.74 -0.45 13.03
N MET C 68 5.71 -0.10 12.21
CA MET C 68 5.76 1.25 11.67
C MET C 68 4.69 1.44 10.61
N THR C 69 3.97 2.55 10.71
CA THR C 69 3.06 2.94 9.65
C THR C 69 3.83 3.22 8.37
N LYS C 70 3.10 3.37 7.26
CA LYS C 70 3.74 3.60 5.96
C LYS C 70 4.64 4.83 6.01
N HIS C 71 4.13 5.92 6.59
CA HIS C 71 4.94 7.12 6.77
C HIS C 71 6.16 6.84 7.63
N GLN C 72 5.97 6.16 8.76
CA GLN C 72 7.10 5.88 9.65
C GLN C 72 8.08 4.93 8.99
N ALA C 73 7.59 3.93 8.26
CA ALA C 73 8.50 3.04 7.55
C ALA C 73 9.34 3.82 6.54
N PHE C 74 8.71 4.75 5.82
CA PHE C 74 9.46 5.55 4.86
C PHE C 74 10.51 6.42 5.56
N LEU C 75 10.10 7.11 6.63
CA LEU C 75 10.98 8.09 7.26
C LEU C 75 12.13 7.41 8.01
N PHE C 76 11.82 6.43 8.85
CA PHE C 76 12.80 5.86 9.76
C PHE C 76 13.68 4.79 9.13
N GLY C 77 13.31 4.29 7.95
CA GLY C 77 14.03 3.14 7.42
C GLY C 77 13.87 1.89 8.24
N ALA C 78 12.83 1.82 9.08
CA ALA C 78 12.54 0.66 9.90
C ALA C 78 11.15 0.15 9.58
N ASP C 79 10.98 -1.17 9.60
CA ASP C 79 9.67 -1.75 9.38
C ASP C 79 8.94 -2.08 10.67
N TRP C 80 9.67 -2.35 11.75
CA TRP C 80 9.04 -2.33 13.07
C TRP C 80 10.12 -2.08 14.12
N ILE C 81 9.68 -1.88 15.36
CA ILE C 81 10.59 -1.56 16.47
C ILE C 81 10.23 -2.39 17.69
N TRP C 82 11.23 -3.09 18.22
CA TRP C 82 11.09 -3.86 19.46
C TRP C 82 11.69 -3.04 20.60
N THR C 83 10.85 -2.61 21.54
CA THR C 83 11.33 -1.94 22.74
C THR C 83 11.32 -2.95 23.89
N PHE C 84 12.51 -3.22 24.42
CA PHE C 84 12.68 -4.07 25.59
C PHE C 84 12.65 -3.20 26.84
N TRP C 85 11.65 -3.43 27.69
CA TRP C 85 11.54 -2.78 28.99
C TRP C 85 12.14 -3.68 30.06
N GLY C 86 12.89 -3.07 30.97
CA GLY C 86 13.58 -3.81 32.01
C GLY C 86 12.66 -4.22 33.16
N SER C 87 13.31 -4.61 34.26
CA SER C 87 12.57 -4.99 35.46
C SER C 87 11.74 -3.82 35.98
N ASP C 88 12.32 -2.62 35.95
CA ASP C 88 11.58 -1.40 36.26
C ASP C 88 10.71 -1.03 35.05
N LYS C 89 10.11 0.16 35.09
CA LYS C 89 9.28 0.64 33.99
C LYS C 89 10.06 1.44 32.96
N GLN C 90 11.37 1.20 32.85
CA GLN C 90 12.24 1.99 31.98
C GLN C 90 12.62 1.19 30.74
N ILE C 91 12.72 1.89 29.60
CA ILE C 91 13.17 1.26 28.37
C ILE C 91 14.64 0.90 28.51
N LYS C 92 14.98 -0.35 28.23
CA LYS C 92 16.35 -0.82 28.29
C LYS C 92 16.98 -1.07 26.93
N LEU C 93 16.20 -1.43 25.91
CA LEU C 93 16.79 -1.66 24.60
C LEU C 93 15.77 -1.35 23.51
N GLN C 94 16.25 -1.05 22.31
CA GLN C 94 15.39 -0.89 21.16
C GLN C 94 16.07 -1.46 19.91
N LEU C 95 15.34 -2.31 19.20
CA LEU C 95 15.79 -2.88 17.94
C LEU C 95 14.93 -2.32 16.82
N ALA C 96 15.54 -1.56 15.92
CA ALA C 96 14.85 -1.04 14.74
C ALA C 96 15.07 -2.03 13.61
N VAL C 97 14.03 -2.77 13.26
CA VAL C 97 14.12 -3.87 12.32
C VAL C 97 13.63 -3.44 10.95
N GLN C 98 14.48 -3.63 9.95
CA GLN C 98 14.15 -3.44 8.54
C GLN C 98 14.26 -4.78 7.83
N THR C 99 13.28 -5.10 6.99
CA THR C 99 13.27 -6.37 6.28
C THR C 99 13.70 -6.19 4.83
N LEU C 100 14.31 -7.24 4.29
CA LEU C 100 14.77 -7.26 2.92
C LEU C 100 14.33 -8.55 2.26
N GLN C 101 14.13 -8.49 0.94
CA GLN C 101 13.84 -9.65 0.11
C GLN C 101 14.93 -9.72 -0.96
N MET C 102 15.84 -10.66 -0.83
CA MET C 102 16.96 -10.80 -1.75
C MET C 102 16.75 -11.90 -2.79
N SER C 103 15.55 -12.45 -2.89
CA SER C 103 15.20 -13.31 -4.01
C SER C 103 14.93 -12.53 -5.28
N SER C 104 14.77 -11.22 -5.18
CA SER C 104 14.51 -10.37 -6.34
C SER C 104 15.13 -8.98 -6.16
N LEU C 115 13.59 -3.82 -5.10
CA LEU C 115 12.23 -3.33 -4.85
C LEU C 115 12.25 -1.87 -4.41
N SER C 116 11.77 -1.00 -5.30
CA SER C 116 11.88 0.45 -5.10
C SER C 116 10.98 0.92 -3.95
N ASN C 117 11.48 1.89 -3.19
CA ASN C 117 10.72 2.46 -2.07
C ASN C 117 9.74 3.50 -2.60
N PRO C 118 8.42 3.30 -2.42
CA PRO C 118 7.45 4.28 -2.91
C PRO C 118 7.33 5.46 -1.96
N GLU C 119 7.35 6.67 -2.51
CA GLU C 119 7.35 7.87 -1.67
C GLU C 119 5.95 8.20 -1.18
N SER C 120 5.89 8.88 -0.04
CA SER C 120 4.64 9.34 0.53
C SER C 120 4.22 10.65 -0.14
N ARG C 121 3.31 11.37 0.53
CA ARG C 121 2.84 12.67 -0.01
C ARG C 121 3.57 13.83 0.68
N VAL C 122 4.81 13.60 1.13
CA VAL C 122 5.60 14.66 1.74
C VAL C 122 6.16 15.56 0.65
N GLU C 123 6.06 16.86 0.85
CA GLU C 123 6.57 17.83 -0.11
C GLU C 123 7.02 19.11 0.58
N TRP C 127 14.54 15.13 1.01
CA TRP C 127 15.56 14.37 0.24
C TRP C 127 15.05 12.96 -0.04
N LYS C 128 15.88 12.12 -0.65
CA LYS C 128 15.47 10.74 -0.99
C LYS C 128 16.62 9.79 -0.66
N LYS C 129 17.01 9.71 0.61
CA LYS C 129 18.06 8.80 1.05
C LYS C 129 17.59 7.34 0.92
N SER C 130 18.55 6.43 0.91
CA SER C 130 18.24 5.02 0.86
C SER C 130 17.69 4.56 2.22
N ARG C 131 17.13 3.35 2.23
CA ARG C 131 16.62 2.81 3.49
C ARG C 131 17.74 2.59 4.50
N PHE C 132 18.93 2.21 4.03
CA PHE C 132 20.05 1.99 4.95
C PHE C 132 20.44 3.28 5.67
N ASP C 133 20.63 4.36 4.91
CA ASP C 133 21.02 5.63 5.51
C ASP C 133 19.94 6.14 6.45
N LYS C 134 18.67 5.98 6.06
CA LYS C 134 17.57 6.43 6.92
C LYS C 134 17.56 5.64 8.22
N LEU C 135 17.81 4.32 8.15
CA LEU C 135 17.88 3.52 9.36
C LEU C 135 19.05 3.95 10.25
N GLU C 136 20.22 4.19 9.66
CA GLU C 136 21.37 4.60 10.46
C GLU C 136 21.13 5.94 11.12
N GLU C 137 20.55 6.90 10.38
CA GLU C 137 20.26 8.20 10.98
C GLU C 137 19.22 8.07 12.08
N PHE C 138 18.21 7.22 11.88
CA PHE C 138 17.21 7.00 12.92
C PHE C 138 17.86 6.47 14.19
N CYS C 139 18.74 5.46 14.05
CA CYS C 139 19.39 4.89 15.23
C CYS C 139 20.35 5.87 15.89
N ASN C 140 21.05 6.69 15.08
CA ASN C 140 21.90 7.73 15.67
C ASN C 140 21.07 8.70 16.49
N LEU C 141 19.92 9.12 15.96
CA LEU C 141 19.12 10.12 16.64
C LEU C 141 18.38 9.56 17.85
N ILE C 142 18.06 8.27 17.86
CA ILE C 142 17.37 7.70 19.02
C ILE C 142 18.33 7.59 20.20
N GLY C 143 19.52 7.04 19.97
CA GLY C 143 20.54 7.04 21.00
C GLY C 143 21.37 5.77 20.96
N GLU C 144 22.08 5.55 22.07
CA GLU C 144 23.05 4.47 22.17
C GLU C 144 22.38 3.10 22.24
N ASP C 145 21.26 3.00 22.97
CA ASP C 145 20.60 1.72 23.19
C ASP C 145 19.61 1.37 22.09
N CYS C 146 19.75 1.99 20.92
CA CYS C 146 18.93 1.68 19.75
C CYS C 146 19.83 1.12 18.66
N LEU C 147 19.58 -0.13 18.28
CA LEU C 147 20.40 -0.84 17.31
C LEU C 147 19.56 -1.19 16.09
N GLY C 148 20.12 -0.93 14.92
CA GLY C 148 19.47 -1.33 13.68
C GLY C 148 19.74 -2.80 13.37
N LEU C 149 18.73 -3.46 12.81
CA LEU C 149 18.82 -4.87 12.48
C LEU C 149 18.13 -5.13 11.16
N PHE C 150 18.85 -5.75 10.23
CA PHE C 150 18.30 -6.17 8.95
C PHE C 150 17.93 -7.64 9.04
N ILE C 151 16.70 -7.97 8.67
CA ILE C 151 16.26 -9.36 8.55
C ILE C 151 16.01 -9.65 7.08
N ILE C 152 16.71 -10.65 6.56
CA ILE C 152 16.62 -11.03 5.15
C ILE C 152 15.72 -12.25 5.05
N PHE C 153 14.61 -12.10 4.31
CA PHE C 153 13.72 -13.19 3.96
C PHE C 153 14.12 -13.65 2.56
N GLY C 154 14.85 -14.76 2.49
CA GLY C 154 15.20 -15.32 1.19
C GLY C 154 16.54 -14.86 0.65
N MET C 155 17.36 -15.82 0.20
CA MET C 155 18.66 -15.64 -0.40
C MET C 155 18.59 -15.98 -1.89
N PRO C 156 19.45 -15.39 -2.72
CA PRO C 156 19.52 -15.81 -4.13
C PRO C 156 19.87 -17.28 -4.25
N GLY C 157 18.93 -18.07 -4.77
CA GLY C 157 19.07 -19.49 -4.87
C GLY C 157 18.52 -20.28 -3.68
N LYS C 158 18.29 -19.61 -2.56
CA LYS C 158 17.70 -20.22 -1.36
C LYS C 158 16.52 -19.36 -0.95
N PRO C 159 15.38 -19.52 -1.63
CA PRO C 159 14.26 -18.58 -1.41
C PRO C 159 13.67 -18.63 -0.01
N LYS C 160 13.89 -19.70 0.75
CA LYS C 160 13.32 -19.85 2.08
C LYS C 160 14.36 -19.70 3.19
N ASP C 161 15.43 -18.95 2.92
CA ASP C 161 16.51 -18.73 3.87
C ASP C 161 16.26 -17.43 4.60
N ILE C 162 15.94 -17.51 5.90
CA ILE C 162 15.68 -16.34 6.72
C ILE C 162 16.86 -16.16 7.67
N ARG C 163 17.51 -15.00 7.61
CA ARG C 163 18.64 -14.72 8.49
C ARG C 163 18.66 -13.24 8.84
N GLY C 164 19.70 -12.83 9.56
CA GLY C 164 19.75 -11.47 10.07
C GLY C 164 21.17 -10.95 10.17
N VAL C 165 21.31 -9.63 10.07
CA VAL C 165 22.59 -8.94 10.18
C VAL C 165 22.40 -7.66 10.99
N VAL C 166 23.29 -7.43 11.96
CA VAL C 166 23.28 -6.18 12.71
C VAL C 166 23.87 -5.07 11.85
N LEU C 167 23.30 -3.87 11.96
CA LEU C 167 23.77 -2.74 11.15
C LEU C 167 25.24 -2.45 11.41
N ASP C 168 25.67 -2.54 12.67
CA ASP C 168 27.05 -2.19 12.99
C ASP C 168 28.05 -3.11 12.30
N SER C 169 27.69 -4.38 12.08
CA SER C 169 28.57 -5.27 11.35
C SER C 169 28.77 -4.80 9.91
N VAL C 170 27.69 -4.39 9.26
CA VAL C 170 27.78 -3.85 7.91
C VAL C 170 28.58 -2.56 7.91
N LYS C 171 28.39 -1.72 8.94
CA LYS C 171 29.14 -0.48 9.03
C LYS C 171 30.63 -0.74 9.17
N SER C 172 31.01 -1.75 9.96
CA SER C 172 32.42 -2.13 10.08
C SER C 172 32.97 -2.67 8.77
N GLN C 173 32.18 -3.49 8.06
CA GLN C 173 32.63 -4.00 6.76
C GLN C 173 32.77 -2.87 5.73
N MET C 174 31.98 -1.82 5.87
CA MET C 174 32.05 -0.70 4.93
C MET C 174 33.39 0.03 4.99
N VAL C 175 34.05 0.03 6.15
CA VAL C 175 35.36 0.66 6.24
C VAL C 175 36.39 -0.07 5.38
N ARG C 176 36.12 -1.33 5.03
CA ARG C 176 36.99 -2.11 4.16
C ARG C 176 36.52 -2.14 2.72
N SER C 177 35.21 -2.12 2.48
CA SER C 177 34.68 -2.24 1.12
C SER C 177 34.40 -0.91 0.43
N HIS C 178 34.05 0.14 1.18
CA HIS C 178 33.90 1.50 0.65
C HIS C 178 32.82 1.58 -0.44
N LEU C 179 31.67 0.97 -0.17
CA LEU C 179 30.57 0.93 -1.12
C LEU C 179 29.27 1.27 -0.40
N PRO C 180 28.22 1.64 -1.15
CA PRO C 180 26.98 2.10 -0.50
C PRO C 180 26.34 1.04 0.38
N GLY C 181 25.44 1.50 1.25
CA GLY C 181 24.96 0.67 2.36
C GLY C 181 24.17 -0.54 1.94
N GLY C 182 23.25 -0.39 0.98
CA GLY C 182 22.46 -1.55 0.55
C GLY C 182 23.33 -2.61 -0.08
N LYS C 183 24.24 -2.20 -0.98
CA LYS C 183 25.17 -3.15 -1.56
C LYS C 183 26.08 -3.74 -0.49
N ALA C 184 26.40 -2.96 0.54
CA ALA C 184 27.21 -3.48 1.64
C ALA C 184 26.48 -4.60 2.38
N VAL C 185 25.18 -4.42 2.65
CA VAL C 185 24.42 -5.48 3.32
C VAL C 185 24.34 -6.72 2.44
N ALA C 186 24.12 -6.52 1.14
CA ALA C 186 24.05 -7.66 0.23
C ALA C 186 25.38 -8.42 0.21
N GLN C 187 26.49 -7.68 0.12
CA GLN C 187 27.80 -8.31 0.11
C GLN C 187 28.08 -9.01 1.43
N PHE C 188 27.62 -8.42 2.55
CA PHE C 188 27.85 -9.02 3.85
C PHE C 188 27.13 -10.36 3.96
N VAL C 189 25.86 -10.41 3.55
CA VAL C 189 25.10 -11.65 3.67
C VAL C 189 25.66 -12.69 2.70
N LEU C 190 26.07 -12.27 1.50
CA LEU C 190 26.56 -13.24 0.52
C LEU C 190 27.96 -13.74 0.87
N GLU C 191 28.75 -12.93 1.56
CA GLU C 191 30.16 -13.21 1.79
C GLU C 191 30.44 -13.88 3.12
N THR C 192 29.71 -13.51 4.18
CA THR C 192 29.96 -14.03 5.52
C THR C 192 29.24 -15.35 5.71
N GLU C 193 29.98 -16.37 6.17
CA GLU C 193 29.41 -17.66 6.48
C GLU C 193 29.43 -18.01 7.96
N ASP C 194 30.27 -17.36 8.76
CA ASP C 194 30.24 -17.54 10.19
C ASP C 194 28.91 -17.04 10.75
N CYS C 195 28.37 -17.77 11.73
CA CYS C 195 27.04 -17.48 12.26
C CYS C 195 27.06 -17.43 13.79
N VAL C 196 26.15 -16.63 14.34
CA VAL C 196 25.84 -16.64 15.76
C VAL C 196 24.33 -16.77 15.91
N PHE C 197 23.90 -17.65 16.80
CA PHE C 197 22.48 -17.91 16.94
C PHE C 197 21.76 -16.71 17.56
N ILE C 198 20.47 -16.60 17.28
CA ILE C 198 19.70 -15.44 17.73
C ILE C 198 19.59 -15.43 19.25
N LYS C 199 19.49 -16.60 19.87
CA LYS C 199 19.49 -16.67 21.34
C LYS C 199 20.80 -16.15 21.91
N GLU C 200 21.93 -16.53 21.29
CA GLU C 200 23.22 -16.03 21.74
C GLU C 200 23.32 -14.52 21.55
N LEU C 201 22.85 -14.01 20.42
CA LEU C 201 22.91 -12.58 20.17
C LEU C 201 22.07 -11.81 21.18
N LEU C 202 20.87 -12.30 21.47
CA LEU C 202 19.92 -11.55 22.28
C LEU C 202 20.20 -11.62 23.77
N ARG C 203 21.21 -12.36 24.21
CA ARG C 203 21.51 -12.40 25.64
C ARG C 203 21.93 -11.02 26.11
N ASN C 204 21.68 -10.76 27.40
CA ASN C 204 21.80 -9.42 27.97
C ASN C 204 20.95 -8.41 27.19
N CYS C 205 19.74 -8.83 26.84
CA CYS C 205 18.81 -7.94 26.13
C CYS C 205 18.29 -6.81 27.01
N LEU C 206 18.53 -6.86 28.32
CA LEU C 206 18.07 -5.83 29.25
C LEU C 206 19.21 -5.17 30.01
N SER C 207 20.47 -5.41 29.62
CA SER C 207 21.59 -4.84 30.37
C SER C 207 22.81 -4.72 29.47
N LYS C 208 23.62 -3.69 29.75
CA LYS C 208 24.98 -3.52 29.23
C LYS C 208 25.01 -3.12 27.77
N LYS C 209 23.86 -3.09 27.11
CA LYS C 209 23.72 -2.63 25.72
C LYS C 209 24.55 -3.47 24.74
N ASP C 210 25.17 -4.54 25.22
CA ASP C 210 26.11 -5.30 24.40
C ASP C 210 25.42 -5.95 23.21
N GLY C 211 26.19 -6.12 22.13
CA GLY C 211 25.65 -6.57 20.86
C GLY C 211 26.10 -5.67 19.73
N LEU C 212 26.21 -4.36 20.03
CA LEU C 212 26.75 -3.42 19.06
C LEU C 212 28.26 -3.60 18.91
N ARG C 213 28.98 -3.73 20.02
CA ARG C 213 30.43 -3.89 19.97
C ARG C 213 30.82 -5.25 19.44
N GLU C 214 29.99 -6.27 19.66
CA GLU C 214 30.28 -7.63 19.23
C GLU C 214 29.72 -7.86 17.82
N VAL C 215 29.61 -9.12 17.43
CA VAL C 215 28.93 -9.60 16.21
C VAL C 215 29.56 -9.00 14.95
N GLY C 216 30.80 -8.56 15.04
CA GLY C 216 31.51 -8.11 13.86
C GLY C 216 31.85 -9.29 12.94
N LYS C 217 31.66 -9.08 11.64
CA LYS C 217 31.99 -10.07 10.61
C LYS C 217 31.29 -11.41 10.87
N VAL C 218 30.03 -11.34 11.28
CA VAL C 218 29.22 -12.53 11.51
C VAL C 218 27.76 -12.20 11.23
N TYR C 219 27.03 -13.19 10.74
CA TYR C 219 25.59 -13.05 10.56
C TYR C 219 24.87 -13.81 11.66
N ILE C 220 23.57 -13.53 11.80
CA ILE C 220 22.76 -14.09 12.86
C ILE C 220 21.89 -15.18 12.26
N SER C 221 22.01 -16.40 12.80
CA SER C 221 21.26 -17.55 12.31
C SER C 221 19.91 -17.65 12.98
N ILE C 222 18.94 -18.19 12.24
CA ILE C 222 17.59 -18.39 12.75
C ILE C 222 17.19 -19.86 12.60
N PHE D 3 -4.07 23.42 -2.95
CA PHE D 3 -2.74 23.38 -3.52
C PHE D 3 -1.97 24.68 -3.29
N ASP D 4 -2.70 25.76 -3.01
CA ASP D 4 -2.09 27.10 -3.01
C ASP D 4 -0.91 27.21 -2.05
N TYR D 5 -1.11 26.82 -0.79
CA TYR D 5 -0.04 26.87 0.19
C TYR D 5 0.16 25.50 0.83
N MET D 6 1.33 25.30 1.44
CA MET D 6 1.57 24.14 2.28
C MET D 6 2.34 24.58 3.52
N PHE D 7 1.76 24.35 4.69
CA PHE D 7 2.35 24.76 5.96
C PHE D 7 2.71 23.53 6.77
N LYS D 8 3.92 23.51 7.31
CA LYS D 8 4.35 22.48 8.22
C LYS D 8 3.96 22.88 9.63
N LEU D 9 3.23 22.00 10.31
CA LEU D 9 2.84 22.19 11.69
C LEU D 9 3.38 21.04 12.51
N LEU D 10 3.77 21.33 13.75
CA LEU D 10 4.19 20.29 14.68
C LEU D 10 3.38 20.41 15.96
N ILE D 11 2.98 19.28 16.53
CA ILE D 11 2.36 19.21 17.84
C ILE D 11 3.38 18.59 18.79
N ILE D 12 3.72 19.37 19.84
CA ILE D 12 4.72 18.99 20.82
C ILE D 12 4.15 19.19 22.22
N GLY D 13 4.72 18.46 23.16
CA GLY D 13 4.26 18.46 24.54
C GLY D 13 4.64 17.17 25.22
N ASN D 14 4.38 17.12 26.51
CA ASN D 14 4.72 15.95 27.30
C ASN D 14 3.93 14.73 26.84
N SER D 15 4.48 13.56 27.14
CA SER D 15 3.77 12.31 26.88
C SER D 15 2.45 12.29 27.63
N SER D 16 1.40 11.85 26.92
CA SER D 16 0.04 11.66 27.42
C SER D 16 -0.71 12.96 27.66
N VAL D 17 -0.26 14.08 27.07
CA VAL D 17 -1.04 15.31 27.21
C VAL D 17 -2.22 15.32 26.24
N GLY D 18 -2.13 14.61 25.11
CA GLY D 18 -3.22 14.58 24.15
C GLY D 18 -2.85 14.94 22.72
N LYS D 19 -1.57 14.90 22.37
CA LYS D 19 -1.14 15.37 21.06
C LYS D 19 -1.69 14.51 19.93
N THR D 20 -1.52 13.19 20.04
CA THR D 20 -2.04 12.28 19.01
C THR D 20 -3.56 12.33 18.95
N SER D 21 -4.22 12.35 20.12
CA SER D 21 -5.66 12.46 20.14
C SER D 21 -6.12 13.76 19.50
N PHE D 22 -5.39 14.85 19.76
CA PHE D 22 -5.67 16.13 19.13
C PHE D 22 -5.64 16.03 17.62
N LEU D 23 -4.55 15.45 17.08
CA LEU D 23 -4.43 15.34 15.63
C LEU D 23 -5.54 14.46 15.05
N PHE D 24 -5.82 13.33 15.70
CA PHE D 24 -6.84 12.43 15.18
C PHE D 24 -8.23 13.07 15.20
N ARG D 25 -8.55 13.82 16.25
CA ARG D 25 -9.81 14.55 16.28
C ARG D 25 -9.88 15.56 15.13
N TYR D 26 -8.80 16.31 14.91
CA TYR D 26 -8.84 17.31 13.85
C TYR D 26 -8.95 16.68 12.48
N ALA D 27 -8.25 15.58 12.25
CA ALA D 27 -8.18 15.00 10.92
C ALA D 27 -9.41 14.16 10.60
N ASP D 28 -9.87 13.37 11.56
CA ASP D 28 -10.88 12.36 11.30
C ASP D 28 -12.19 12.57 12.03
N ASP D 29 -12.28 13.56 12.93
CA ASP D 29 -13.47 13.77 13.73
C ASP D 29 -13.84 12.51 14.50
N THR D 30 -12.87 12.03 15.29
CA THR D 30 -13.03 10.81 16.05
C THR D 30 -12.14 10.85 17.27
N PHE D 31 -12.42 9.95 18.21
CA PHE D 31 -11.62 9.82 19.43
C PHE D 31 -11.66 8.38 19.91
N THR D 32 -10.54 7.92 20.48
CA THR D 32 -10.49 6.64 21.14
C THR D 32 -9.76 6.78 22.46
N PRO D 33 -10.26 6.15 23.53
CA PRO D 33 -9.59 6.26 24.84
C PRO D 33 -8.25 5.53 24.90
N ALA D 34 -7.99 4.61 23.96
CA ALA D 34 -6.76 3.83 24.01
C ALA D 34 -5.53 4.74 23.92
N PHE D 35 -4.55 4.48 24.77
CA PHE D 35 -3.31 5.23 24.80
C PHE D 35 -2.26 4.43 24.02
N VAL D 36 -1.98 4.85 22.80
CA VAL D 36 -0.90 4.31 22.00
C VAL D 36 0.14 5.42 21.87
N SER D 37 1.20 5.33 22.67
CA SER D 37 2.22 6.37 22.67
C SER D 37 2.98 6.37 21.36
N THR D 38 3.23 7.57 20.84
CA THR D 38 3.90 7.71 19.55
C THR D 38 5.38 7.35 19.67
N VAL D 39 5.87 6.55 18.72
CA VAL D 39 7.27 6.15 18.69
C VAL D 39 7.97 7.09 17.72
N GLY D 40 8.72 8.05 18.26
CA GLY D 40 9.50 8.98 17.47
C GLY D 40 8.67 10.11 16.90
N ILE D 41 7.98 9.88 15.79
CA ILE D 41 7.18 10.92 15.16
C ILE D 41 6.29 10.27 14.11
N ASP D 42 5.17 10.92 13.79
CA ASP D 42 4.39 10.57 12.60
C ASP D 42 3.75 11.85 12.08
N PHE D 43 3.01 11.75 10.98
CA PHE D 43 2.39 12.96 10.43
C PHE D 43 1.17 12.60 9.59
N LYS D 44 0.26 13.57 9.48
CA LYS D 44 -0.96 13.47 8.70
C LYS D 44 -1.14 14.74 7.88
N VAL D 45 -1.77 14.61 6.73
CA VAL D 45 -1.96 15.73 5.81
C VAL D 45 -3.43 16.08 5.77
N LYS D 46 -3.75 17.33 6.07
CA LYS D 46 -5.13 17.80 6.00
C LYS D 46 -5.19 19.07 5.17
N THR D 47 -6.17 19.15 4.28
CA THR D 47 -6.36 20.31 3.42
C THR D 47 -7.54 21.13 3.95
N VAL D 48 -7.34 22.44 4.05
CA VAL D 48 -8.37 23.36 4.52
C VAL D 48 -8.50 24.49 3.50
N TYR D 49 -9.62 25.20 3.58
CA TYR D 49 -9.92 26.31 2.70
C TYR D 49 -10.08 27.56 3.53
N ARG D 50 -9.20 28.53 3.31
CA ARG D 50 -9.18 29.74 4.13
C ARG D 50 -8.69 30.90 3.27
N HIS D 51 -9.32 32.06 3.48
CA HIS D 51 -9.04 33.27 2.68
C HIS D 51 -9.22 32.98 1.18
N GLU D 52 -10.24 32.18 0.86
CA GLU D 52 -10.52 31.76 -0.52
C GLU D 52 -9.31 31.07 -1.16
N LYS D 53 -8.47 30.43 -0.35
CA LYS D 53 -7.28 29.77 -0.83
C LYS D 53 -7.21 28.36 -0.24
N ARG D 54 -6.61 27.45 -1.00
CA ARG D 54 -6.41 26.07 -0.55
C ARG D 54 -5.07 25.99 0.19
N VAL D 55 -5.12 25.59 1.45
CA VAL D 55 -3.93 25.45 2.28
C VAL D 55 -3.82 23.99 2.70
N LYS D 56 -2.72 23.35 2.35
CA LYS D 56 -2.39 22.02 2.83
C LYS D 56 -1.61 22.15 4.14
N LEU D 57 -1.89 21.27 5.09
CA LEU D 57 -1.23 21.27 6.38
C LEU D 57 -0.58 19.91 6.57
N GLN D 58 0.74 19.91 6.70
CA GLN D 58 1.49 18.70 7.00
C GLN D 58 1.74 18.74 8.50
N ILE D 59 0.93 17.99 9.25
CA ILE D 59 0.86 18.08 10.70
C ILE D 59 1.62 16.90 11.30
N TRP D 60 2.70 17.19 12.00
CA TRP D 60 3.57 16.18 12.58
C TRP D 60 3.25 16.04 14.06
N ASP D 61 2.89 14.83 14.45
CA ASP D 61 2.65 14.47 15.84
C ASP D 61 3.98 13.97 16.40
N THR D 62 4.55 14.70 17.36
CA THR D 62 5.84 14.33 17.95
C THR D 62 5.64 13.52 19.22
N ALA D 63 6.62 12.68 19.53
CA ALA D 63 6.58 11.91 20.76
C ALA D 63 6.98 12.79 21.94
N GLY D 64 6.34 12.55 23.08
CA GLY D 64 6.58 13.39 24.25
C GLY D 64 7.73 12.93 25.12
N LEU D 65 8.12 11.67 25.01
CA LEU D 65 9.14 11.12 25.89
C LEU D 65 10.50 11.75 25.61
N GLU D 66 11.25 12.01 26.69
CA GLU D 66 12.58 12.57 26.56
C GLU D 66 13.47 11.69 25.68
N ARG D 67 13.20 10.39 25.64
CA ARG D 67 13.99 9.46 24.84
C ARG D 67 13.98 9.84 23.36
N TYR D 68 12.86 10.39 22.86
CA TYR D 68 12.76 10.83 21.48
C TYR D 68 13.02 12.32 21.33
N ARG D 69 13.38 12.99 22.42
CA ARG D 69 13.60 14.44 22.39
C ARG D 69 14.56 14.82 21.26
N THR D 70 15.64 14.06 21.11
CA THR D 70 16.59 14.35 20.04
C THR D 70 15.95 14.19 18.67
N ILE D 71 15.33 13.02 18.41
CA ILE D 71 14.90 12.76 17.05
C ILE D 71 13.80 13.73 16.64
N THR D 72 12.83 13.96 17.54
CA THR D 72 11.77 14.92 17.25
C THR D 72 12.36 16.28 16.89
N THR D 73 13.43 16.69 17.58
CA THR D 73 13.99 18.01 17.31
C THR D 73 14.54 18.12 15.90
N ALA D 74 15.08 17.02 15.37
CA ALA D 74 15.56 17.04 14.00
C ALA D 74 14.44 17.39 13.03
N TYR D 75 13.19 17.04 13.36
CA TYR D 75 12.07 17.34 12.50
C TYR D 75 11.47 18.72 12.71
N TYR D 76 12.00 19.49 13.67
CA TYR D 76 11.55 20.88 13.78
C TYR D 76 12.00 21.73 12.60
N ARG D 77 12.94 21.23 11.79
CA ARG D 77 13.41 22.00 10.64
C ARG D 77 12.27 22.27 9.67
N GLY D 78 12.20 23.49 9.18
CA GLY D 78 11.17 23.86 8.24
C GLY D 78 9.77 23.94 8.82
N ALA D 79 9.64 23.81 10.14
CA ALA D 79 8.34 23.97 10.77
C ALA D 79 7.92 25.43 10.72
N MET D 80 6.66 25.67 10.33
CA MET D 80 6.11 27.01 10.34
C MET D 80 5.13 27.24 11.47
N GLY D 81 4.62 26.19 12.10
CA GLY D 81 3.70 26.36 13.21
C GLY D 81 3.89 25.29 14.26
N PHE D 82 3.57 25.65 15.50
CA PHE D 82 3.62 24.72 16.62
C PHE D 82 2.35 24.78 17.44
N ILE D 83 1.82 23.62 17.80
CA ILE D 83 0.83 23.46 18.85
C ILE D 83 1.58 22.91 20.05
N LEU D 84 1.85 23.78 21.02
CA LEU D 84 2.47 23.38 22.28
C LEU D 84 1.36 23.05 23.25
N MET D 85 1.30 21.78 23.67
CA MET D 85 0.18 21.27 24.46
C MET D 85 0.64 20.89 25.86
N TYR D 86 -0.16 21.27 26.84
CA TYR D 86 -0.08 20.66 28.16
C TYR D 86 -1.44 20.05 28.49
N ASP D 87 -1.49 19.33 29.60
CA ASP D 87 -2.69 18.68 30.08
C ASP D 87 -3.11 19.37 31.37
N ILE D 88 -4.32 19.95 31.39
CA ILE D 88 -4.79 20.67 32.57
C ILE D 88 -4.99 19.75 33.76
N THR D 89 -5.04 18.44 33.55
CA THR D 89 -5.05 17.48 34.65
C THR D 89 -3.67 17.29 35.26
N ASN D 90 -2.60 17.59 34.53
CA ASN D 90 -1.24 17.22 34.89
C ASN D 90 -0.36 18.46 35.02
N GLU D 91 -0.04 18.84 36.26
CA GLU D 91 0.69 20.09 36.50
C GLU D 91 2.09 20.04 35.91
N GLU D 92 2.77 18.89 36.02
CA GLU D 92 4.12 18.77 35.46
C GLU D 92 4.14 19.12 33.98
N SER D 93 3.06 18.79 33.25
CA SER D 93 2.98 19.16 31.85
C SER D 93 2.95 20.68 31.66
N PHE D 94 2.25 21.38 32.55
CA PHE D 94 2.21 22.83 32.44
C PHE D 94 3.55 23.46 32.82
N ASN D 95 4.25 22.89 33.80
CA ASN D 95 5.55 23.43 34.18
C ASN D 95 6.57 23.28 33.06
N ALA D 96 6.49 22.18 32.29
CA ALA D 96 7.42 21.95 31.21
C ALA D 96 7.20 22.86 30.01
N VAL D 97 6.24 23.78 30.07
CA VAL D 97 5.91 24.57 28.89
C VAL D 97 7.07 25.47 28.49
N GLN D 98 7.67 26.16 29.46
CA GLN D 98 8.76 27.09 29.11
C GLN D 98 9.91 26.34 28.44
N ASP D 99 10.18 25.11 28.90
CA ASP D 99 11.23 24.31 28.27
C ASP D 99 10.89 24.02 26.81
N TRP D 100 9.63 23.62 26.56
CA TRP D 100 9.21 23.39 25.18
C TRP D 100 9.34 24.67 24.35
N ALA D 101 9.02 25.82 24.95
CA ALA D 101 9.06 27.08 24.20
C ALA D 101 10.47 27.47 23.83
N THR D 102 11.42 27.35 24.77
CA THR D 102 12.81 27.64 24.39
C THR D 102 13.36 26.57 23.46
N GLN D 103 12.81 25.35 23.52
CA GLN D 103 13.20 24.34 22.53
C GLN D 103 12.76 24.74 21.14
N ILE D 104 11.55 25.29 21.02
CA ILE D 104 11.10 25.84 19.75
C ILE D 104 12.02 26.97 19.31
N LYS D 105 12.37 27.87 20.24
CA LYS D 105 13.27 28.98 19.91
C LYS D 105 14.62 28.46 19.40
N THR D 106 15.11 27.37 20.00
CA THR D 106 16.45 26.87 19.72
C THR D 106 16.52 26.12 18.40
N TYR D 107 15.60 25.19 18.17
CA TYR D 107 15.76 24.23 17.08
C TYR D 107 14.97 24.58 15.83
N SER D 108 14.21 25.68 15.82
CA SER D 108 13.38 26.01 14.68
C SER D 108 14.19 26.85 13.70
N TRP D 109 14.43 26.29 12.50
CA TRP D 109 15.09 27.05 11.45
C TRP D 109 14.35 28.35 11.15
N ASP D 110 13.02 28.32 11.23
CA ASP D 110 12.17 29.47 11.03
C ASP D 110 11.89 30.16 12.37
N ASN D 111 11.31 31.36 12.29
CA ASN D 111 10.75 32.04 13.45
C ASN D 111 9.24 31.84 13.39
N ALA D 112 8.82 30.69 13.91
CA ALA D 112 7.48 30.16 13.69
C ALA D 112 6.48 30.69 14.73
N GLN D 113 5.20 30.51 14.40
CA GLN D 113 4.10 30.89 15.28
C GLN D 113 3.70 29.72 16.16
N VAL D 114 3.34 30.02 17.41
CA VAL D 114 3.05 29.00 18.41
C VAL D 114 1.68 29.25 19.02
N ILE D 115 0.95 28.17 19.29
CA ILE D 115 -0.30 28.19 20.03
C ILE D 115 -0.10 27.40 21.31
N LEU D 116 -0.51 27.96 22.45
CA LEU D 116 -0.50 27.23 23.71
C LEU D 116 -1.89 26.65 23.94
N VAL D 117 -1.93 25.34 24.20
CA VAL D 117 -3.20 24.62 24.33
C VAL D 117 -3.18 23.79 25.60
N GLY D 118 -4.18 24.00 26.44
CA GLY D 118 -4.41 23.13 27.58
C GLY D 118 -5.50 22.12 27.28
N ASN D 119 -5.11 20.86 27.04
CA ASN D 119 -6.03 19.82 26.62
C ASN D 119 -6.78 19.26 27.83
N LYS D 120 -7.71 18.33 27.54
CA LYS D 120 -8.48 17.61 28.55
C LYS D 120 -9.33 18.55 29.40
N CYS D 121 -9.78 19.66 28.81
CA CYS D 121 -10.61 20.61 29.56
C CYS D 121 -11.99 20.05 29.85
N ASP D 122 -12.35 18.91 29.24
CA ASP D 122 -13.53 18.17 29.65
C ASP D 122 -13.39 17.57 31.03
N MET D 123 -12.17 17.46 31.54
CA MET D 123 -11.90 16.87 32.86
C MET D 123 -11.81 17.96 33.92
N GLU D 124 -12.88 18.74 34.04
CA GLU D 124 -12.86 19.88 34.95
C GLU D 124 -12.71 19.46 36.40
N GLU D 125 -13.25 18.29 36.76
CA GLU D 125 -13.18 17.82 38.14
C GLU D 125 -11.75 17.44 38.55
N GLU D 126 -10.86 17.21 37.60
CA GLU D 126 -9.47 16.85 37.88
C GLU D 126 -8.50 17.95 37.47
N ARG D 127 -8.98 19.13 37.13
CA ARG D 127 -8.11 20.23 36.73
C ARG D 127 -7.21 20.65 37.88
N VAL D 128 -5.91 20.79 37.59
CA VAL D 128 -4.95 21.33 38.55
C VAL D 128 -4.28 22.60 38.06
N VAL D 129 -4.43 22.97 36.79
CA VAL D 129 -3.90 24.22 36.27
C VAL D 129 -5.08 25.14 35.98
N PRO D 130 -5.23 26.25 36.69
CA PRO D 130 -6.31 27.19 36.36
C PRO D 130 -6.12 27.78 34.98
N THR D 131 -7.24 28.13 34.35
CA THR D 131 -7.19 28.77 33.03
C THR D 131 -6.36 30.06 33.09
N GLU D 132 -6.47 30.80 34.19
CA GLU D 132 -5.72 32.05 34.32
C GLU D 132 -4.23 31.82 34.17
N LYS D 133 -3.72 30.70 34.69
CA LYS D 133 -2.29 30.42 34.61
C LYS D 133 -1.84 30.28 33.16
N GLY D 134 -2.59 29.49 32.37
CA GLY D 134 -2.25 29.34 30.97
C GLY D 134 -2.37 30.66 30.22
N GLN D 135 -3.42 31.42 30.51
CA GLN D 135 -3.56 32.73 29.88
C GLN D 135 -2.34 33.60 30.20
N LEU D 136 -1.89 33.57 31.45
CA LEU D 136 -0.77 34.41 31.86
C LEU D 136 0.52 33.98 31.17
N LEU D 137 0.80 32.68 31.14
CA LEU D 137 2.05 32.21 30.53
C LEU D 137 2.05 32.48 29.02
N ALA D 138 0.91 32.27 28.36
CA ALA D 138 0.84 32.56 26.93
C ALA D 138 0.97 34.06 26.68
N GLU D 139 0.38 34.89 27.53
CA GLU D 139 0.60 36.33 27.47
C GLU D 139 2.09 36.64 27.54
N GLN D 140 2.79 36.01 28.48
CA GLN D 140 4.21 36.28 28.69
C GLN D 140 5.01 35.88 27.45
N LEU D 141 4.80 34.67 26.96
CA LEU D 141 5.58 34.17 25.84
C LEU D 141 5.13 34.75 24.49
N GLY D 142 4.00 35.45 24.44
CA GLY D 142 3.50 35.98 23.19
C GLY D 142 2.74 34.97 22.35
N PHE D 143 2.12 33.98 22.97
CA PHE D 143 1.36 32.95 22.27
C PHE D 143 -0.14 33.19 22.44
N ASP D 144 -0.90 32.77 21.43
CA ASP D 144 -2.34 32.68 21.59
C ASP D 144 -2.70 31.40 22.33
N PHE D 145 -3.77 31.47 23.12
CA PHE D 145 -4.07 30.46 24.12
C PHE D 145 -5.46 29.87 23.89
N PHE D 146 -5.54 28.54 23.97
CA PHE D 146 -6.81 27.83 23.92
C PHE D 146 -6.80 26.71 24.94
N GLU D 147 -7.93 26.53 25.60
CA GLU D 147 -8.20 25.32 26.35
C GLU D 147 -9.14 24.46 25.51
N ALA D 148 -8.81 23.19 25.37
CA ALA D 148 -9.43 22.35 24.37
C ALA D 148 -9.63 20.96 24.92
N SER D 149 -10.38 20.15 24.17
CA SER D 149 -10.57 18.74 24.46
C SER D 149 -10.62 17.98 23.16
N ALA D 150 -9.70 17.03 22.98
CA ALA D 150 -9.84 16.10 21.85
C ALA D 150 -10.96 15.10 22.09
N LYS D 151 -11.25 14.78 23.35
CA LYS D 151 -12.30 13.82 23.65
C LYS D 151 -13.67 14.34 23.22
N GLU D 152 -13.97 15.60 23.50
CA GLU D 152 -15.27 16.17 23.21
C GLU D 152 -15.27 17.10 22.01
N ASN D 153 -14.13 17.27 21.33
CA ASN D 153 -14.01 18.16 20.19
C ASN D 153 -14.41 19.59 20.56
N ILE D 154 -13.62 20.17 21.47
CA ILE D 154 -13.79 21.55 21.90
C ILE D 154 -12.51 22.31 21.56
N SER D 155 -12.65 23.37 20.76
CA SER D 155 -11.54 24.29 20.43
C SER D 155 -10.37 23.59 19.76
N VAL D 156 -10.61 22.47 19.08
CA VAL D 156 -9.56 21.82 18.29
C VAL D 156 -9.39 22.54 16.95
N ARG D 157 -10.46 22.56 16.18
CA ARG D 157 -10.41 23.29 14.90
C ARG D 157 -10.02 24.73 15.21
N GLN D 158 -10.66 25.33 16.21
CA GLN D 158 -10.37 26.74 16.50
C GLN D 158 -8.87 26.97 16.66
N ALA D 159 -8.19 26.08 17.40
CA ALA D 159 -6.75 26.24 17.62
C ALA D 159 -5.99 26.12 16.31
N PHE D 160 -6.26 25.07 15.53
CA PHE D 160 -5.55 24.90 14.27
C PHE D 160 -5.80 26.09 13.35
N GLU D 161 -7.04 26.59 13.29
CA GLU D 161 -7.34 27.72 12.43
C GLU D 161 -6.61 28.97 12.89
N ARG D 162 -6.51 29.19 14.21
CA ARG D 162 -5.77 30.35 14.70
C ARG D 162 -4.31 30.27 14.30
N LEU D 163 -3.72 29.08 14.42
CA LEU D 163 -2.33 28.89 13.99
C LEU D 163 -2.17 29.23 12.51
N VAL D 164 -3.07 28.71 11.68
CA VAL D 164 -3.02 28.99 10.24
C VAL D 164 -3.17 30.48 9.97
N ASP D 165 -4.09 31.13 10.68
CA ASP D 165 -4.31 32.56 10.49
C ASP D 165 -3.06 33.36 10.83
N ALA D 166 -2.39 33.02 11.93
CA ALA D 166 -1.16 33.71 12.29
C ALA D 166 -0.10 33.53 11.21
N ILE D 167 0.07 32.28 10.74
CA ILE D 167 1.05 32.00 9.70
C ILE D 167 0.77 32.81 8.44
N CYS D 168 -0.51 32.89 8.05
CA CYS D 168 -0.85 33.66 6.85
C CYS D 168 -0.67 35.16 7.08
N ASP D 169 -0.93 35.63 8.30
CA ASP D 169 -0.72 37.05 8.60
C ASP D 169 0.74 37.43 8.44
N LYS D 170 1.67 36.58 8.91
CA LYS D 170 3.08 36.95 8.83
C LYS D 170 3.61 36.98 7.40
N MET D 171 2.85 36.48 6.42
CA MET D 171 3.28 36.50 5.03
C MET D 171 3.42 37.93 4.51
#